data_8KA8
#
_entry.id   8KA8
#
_cell.length_a   1.00
_cell.length_b   1.00
_cell.length_c   1.00
_cell.angle_alpha   90.00
_cell.angle_beta   90.00
_cell.angle_gamma   90.00
#
_symmetry.space_group_name_H-M   'P 1'
#
loop_
_entity.id
_entity.type
_entity.pdbx_description
1 polymer 'Angiotensin-converting enzyme'
2 polymer 'Spike protein S1'
3 branched 2-acetamido-2-deoxy-beta-D-glucopyranose-(1-4)-2-acetamido-2-deoxy-beta-D-glucopyranose
4 non-polymer 'ZINC ION'
5 non-polymer 2-acetamido-2-deoxy-beta-D-glucopyranose
#
loop_
_entity_poly.entity_id
_entity_poly.type
_entity_poly.pdbx_seq_one_letter_code
_entity_poly.pdbx_strand_id
1 'polypeptide(L)'
;SIIEEQAKTFLDKFNQEAEDLSYQSALASWNYNTNITEENAQKMNEAAAKWSAFYEEQSKLAKNYSLQEVQNLTIKRQLQ
ALQQSGSSALSADKNKQLNTILNTMSTIYSTGKVCNPKNPQECLLLEPGLDDIMATSTDYNERLWAWEGWRAEVGKQLRP
LYEEYVVLKNEMARANNYEDYGDYWRGDYEAEGADGYNYNGNQLIEDVERTFKEIKPLYEQLHAYVRTKLMNTYPSYISP
TGCLPAHLLGDMWGRFWTNLYPLTVPFGQKPNIDVTDAMVNQGWNAERIFKEAEKFFVSVGLPYMTQGFWENSMLTDPGD
DRKVVCHPTAWDLGKGDFRIKMCTKVTMDNFLTAHHEMGHIQYDMAYATQPFLLRNGANEGFHEAVGEIMSLSAATPEHL
KSIGLLPSDFQEDNETEINFLLKQALTIVGTLPFTYMLEKWRWMVFKGDIPKEQWMEKWWEMKREIVGVVEPLPHDETYC
DPAALFHVSNDYSFIRYYTRTIYQFQFQEALCQAAKHDGPLHKCDISNSTEAGQKLLNMLRLGKSEPWTLALENVVGARN
MDVRPLLNYFEPLSVWLKEQNKNSFVGWNTDWSPYA
;
A
2 'polypeptide(L)'
;TNLCPFGEVFNATRFASVYAWNRKRISNCVADYSVLYNSASFSTFKCYGVSPTKLNDLCFTNVYADSFVIRGDEVRQIAP
GQTGKIADYNYKLPDDFTGCVIAWNSNNLDSKVGGNYNYRYRLFRKSNLKPFERDISTEIYQAGSKPCNGVEGFNCYFPL
QSYGFQPTNGVGYQPYRVVVLSFELLHAPATVCG
;
E
#
# COMPACT_ATOMS: atom_id res chain seq x y z
N SER A 1 -20.25 8.47 -28.09
CA SER A 1 -19.18 7.50 -27.98
C SER A 1 -17.94 7.93 -28.76
N ILE A 2 -17.84 9.23 -29.02
CA ILE A 2 -16.70 9.77 -29.75
C ILE A 2 -15.60 10.23 -28.80
N ILE A 3 -15.97 10.67 -27.59
CA ILE A 3 -14.98 11.02 -26.59
C ILE A 3 -14.43 9.77 -25.92
N GLU A 4 -15.23 8.68 -25.92
CA GLU A 4 -14.78 7.42 -25.37
C GLU A 4 -13.48 6.96 -26.03
N GLU A 5 -13.44 6.95 -27.35
CA GLU A 5 -12.26 6.49 -28.07
C GLU A 5 -11.05 7.39 -27.80
N GLN A 6 -11.27 8.72 -27.77
CA GLN A 6 -10.17 9.64 -27.53
C GLN A 6 -9.58 9.44 -26.14
N ALA A 7 -10.45 9.30 -25.13
CA ALA A 7 -9.96 9.04 -23.78
C ALA A 7 -9.21 7.71 -23.71
N LYS A 8 -9.72 6.69 -24.41
CA LYS A 8 -9.07 5.39 -24.39
C LYS A 8 -7.68 5.46 -25.03
N THR A 9 -7.54 6.22 -26.11
CA THR A 9 -6.25 6.33 -26.80
C THR A 9 -5.32 7.34 -26.14
N PHE A 10 -5.82 8.13 -25.21
CA PHE A 10 -4.94 9.02 -24.44
C PHE A 10 -4.45 8.38 -23.16
N LEU A 11 -5.29 7.59 -22.49
CA LEU A 11 -4.88 6.91 -21.26
C LEU A 11 -3.73 5.94 -21.51
N ASP A 12 -3.68 5.35 -22.71
CA ASP A 12 -2.60 4.42 -23.02
C ASP A 12 -1.24 5.11 -23.00
N LYS A 13 -1.12 6.23 -23.73
CA LYS A 13 0.13 6.97 -23.74
C LYS A 13 0.46 7.50 -22.34
N PHE A 14 -0.56 7.95 -21.61
CA PHE A 14 -0.31 8.39 -20.25
C PHE A 14 0.30 7.28 -19.41
N ASN A 15 -0.26 6.06 -19.51
CA ASN A 15 0.27 4.93 -18.75
C ASN A 15 1.70 4.61 -19.15
N GLN A 16 1.98 4.60 -20.46
CA GLN A 16 3.31 4.27 -20.93
C GLN A 16 4.36 5.23 -20.41
N GLU A 17 4.04 6.53 -20.37
CA GLU A 17 5.00 7.48 -19.82
C GLU A 17 5.10 7.39 -18.30
N ALA A 18 3.94 7.24 -17.64
CA ALA A 18 3.90 7.29 -16.19
C ALA A 18 4.64 6.12 -15.57
N GLU A 19 4.56 4.93 -16.17
CA GLU A 19 5.27 3.78 -15.62
C GLU A 19 6.76 4.07 -15.50
N ASP A 20 7.37 4.53 -16.59
CA ASP A 20 8.81 4.79 -16.58
C ASP A 20 9.16 5.92 -15.62
N LEU A 21 8.38 7.01 -15.62
CA LEU A 21 8.70 8.12 -14.75
C LEU A 21 8.61 7.73 -13.28
N SER A 22 7.54 7.01 -12.91
CA SER A 22 7.38 6.57 -11.53
C SER A 22 8.47 5.58 -11.13
N TYR A 23 8.87 4.69 -12.04
CA TYR A 23 9.94 3.75 -11.72
C TYR A 23 11.24 4.48 -11.46
N GLN A 24 11.56 5.50 -12.28
CA GLN A 24 12.77 6.28 -12.03
C GLN A 24 12.71 6.97 -10.68
N SER A 25 11.58 7.60 -10.36
CA SER A 25 11.47 8.30 -9.09
C SER A 25 11.61 7.34 -7.91
N ALA A 26 10.94 6.18 -7.98
CA ALA A 26 11.00 5.23 -6.88
C ALA A 26 12.39 4.64 -6.72
N LEU A 27 13.08 4.35 -7.84
CA LEU A 27 14.44 3.84 -7.74
C LEU A 27 15.37 4.86 -7.12
N ALA A 28 15.24 6.13 -7.51
CA ALA A 28 16.05 7.17 -6.88
C ALA A 28 15.77 7.25 -5.39
N SER A 29 14.50 7.17 -5.00
CA SER A 29 14.15 7.24 -3.59
C SER A 29 14.74 6.09 -2.80
N TRP A 30 14.64 4.87 -3.34
CA TRP A 30 15.22 3.72 -2.66
C TRP A 30 16.73 3.83 -2.54
N ASN A 31 17.39 4.32 -3.60
CA ASN A 31 18.83 4.47 -3.54
C ASN A 31 19.22 5.50 -2.47
N TYR A 32 18.44 6.56 -2.31
CA TYR A 32 18.78 7.54 -1.28
C TYR A 32 18.56 6.95 0.11
N ASN A 33 17.45 6.24 0.32
CA ASN A 33 17.06 5.74 1.63
C ASN A 33 17.92 4.57 2.12
N THR A 34 19.01 4.26 1.45
CA THR A 34 19.91 3.20 1.89
C THR A 34 21.36 3.66 1.99
N ASN A 35 21.77 4.58 1.12
CA ASN A 35 23.14 5.06 1.03
C ASN A 35 23.17 6.58 1.15
N ILE A 36 22.54 7.09 2.22
CA ILE A 36 22.27 8.51 2.36
C ILE A 36 23.54 9.33 2.22
N THR A 37 23.49 10.30 1.30
CA THR A 37 24.58 11.23 1.02
C THR A 37 23.92 12.46 0.41
N GLU A 38 24.71 13.50 0.10
CA GLU A 38 24.14 14.69 -0.51
C GLU A 38 23.82 14.49 -1.99
N GLU A 39 24.67 13.75 -2.71
CA GLU A 39 24.39 13.47 -4.12
C GLU A 39 23.11 12.65 -4.27
N ASN A 40 22.89 11.69 -3.37
CA ASN A 40 21.68 10.88 -3.44
C ASN A 40 20.43 11.72 -3.20
N ALA A 41 20.51 12.67 -2.25
CA ALA A 41 19.38 13.58 -2.02
C ALA A 41 19.12 14.46 -3.23
N GLN A 42 20.19 14.95 -3.86
CA GLN A 42 20.02 15.74 -5.09
C GLN A 42 19.35 14.90 -6.17
N LYS A 43 19.75 13.64 -6.30
CA LYS A 43 19.15 12.77 -7.30
C LYS A 43 17.67 12.53 -7.00
N MET A 44 17.32 12.32 -5.73
CA MET A 44 15.90 12.24 -5.35
C MET A 44 15.14 13.47 -5.79
N ASN A 45 15.67 14.66 -5.48
CA ASN A 45 14.94 15.88 -5.80
C ASN A 45 14.76 16.04 -7.31
N GLU A 46 15.83 15.79 -8.08
CA GLU A 46 15.75 15.98 -9.52
C GLU A 46 14.89 14.92 -10.18
N ALA A 47 14.78 13.74 -9.57
CA ALA A 47 13.88 12.72 -10.11
C ALA A 47 12.43 13.01 -9.78
N ALA A 48 12.16 13.54 -8.58
CA ALA A 48 10.78 13.79 -8.17
C ALA A 48 10.20 15.00 -8.87
N ALA A 49 11.03 16.02 -9.16
CA ALA A 49 10.52 17.22 -9.79
C ALA A 49 9.95 16.92 -11.17
N LYS A 50 10.65 16.09 -11.96
CA LYS A 50 10.17 15.75 -13.29
C LYS A 50 8.84 15.00 -13.25
N TRP A 51 8.72 14.04 -12.32
CA TRP A 51 7.47 13.29 -12.20
C TRP A 51 6.32 14.20 -11.80
N SER A 52 6.55 15.10 -10.85
CA SER A 52 5.50 16.02 -10.43
C SER A 52 5.06 16.92 -11.58
N ALA A 53 6.03 17.48 -12.32
CA ALA A 53 5.69 18.34 -13.44
C ALA A 53 4.92 17.59 -14.52
N PHE A 54 5.34 16.36 -14.83
CA PHE A 54 4.66 15.57 -15.84
C PHE A 54 3.23 15.27 -15.41
N TYR A 55 3.04 14.89 -14.15
CA TYR A 55 1.70 14.60 -13.65
C TYR A 55 0.80 15.82 -13.72
N GLU A 56 1.31 16.98 -13.30
CA GLU A 56 0.51 18.20 -13.34
C GLU A 56 0.13 18.57 -14.77
N GLU A 57 1.10 18.49 -15.69
CA GLU A 57 0.82 18.83 -17.08
C GLU A 57 -0.20 17.88 -17.69
N GLN A 58 -0.09 16.59 -17.38
CA GLN A 58 -1.03 15.63 -17.94
C GLN A 58 -2.43 15.83 -17.38
N SER A 59 -2.54 16.16 -16.09
CA SER A 59 -3.86 16.47 -15.53
C SER A 59 -4.46 17.69 -16.19
N LYS A 60 -3.66 18.74 -16.38
CA LYS A 60 -4.17 19.95 -17.04
C LYS A 60 -4.61 19.65 -18.47
N LEU A 61 -3.85 18.81 -19.17
CA LEU A 61 -4.22 18.45 -20.54
C LEU A 61 -5.51 17.62 -20.57
N ALA A 62 -5.68 16.70 -19.62
CA ALA A 62 -6.87 15.87 -19.57
C ALA A 62 -8.09 16.60 -19.03
N LYS A 63 -7.91 17.81 -18.49
CA LYS A 63 -9.06 18.57 -18.00
C LYS A 63 -9.99 19.04 -19.13
N ASN A 64 -9.67 18.72 -20.38
CA ASN A 64 -10.67 18.88 -21.45
C ASN A 64 -11.40 17.59 -21.80
N TYR A 65 -11.66 16.74 -20.81
CA TYR A 65 -12.61 15.66 -21.01
C TYR A 65 -13.74 15.75 -20.00
N SER A 66 -14.90 15.17 -20.35
CA SER A 66 -16.10 15.33 -19.55
C SER A 66 -16.60 13.95 -19.15
N LEU A 67 -16.96 13.81 -17.88
CA LEU A 67 -17.30 12.51 -17.32
C LEU A 67 -18.69 12.04 -17.70
N GLN A 68 -19.53 12.91 -18.28
CA GLN A 68 -20.92 12.58 -18.52
C GLN A 68 -21.14 11.77 -19.79
N GLU A 69 -20.31 11.95 -20.81
CA GLU A 69 -20.46 11.21 -22.05
C GLU A 69 -19.62 9.94 -22.09
N VAL A 70 -19.01 9.57 -20.97
CA VAL A 70 -18.25 8.33 -20.83
C VAL A 70 -19.09 7.37 -20.02
N GLN A 71 -19.47 6.25 -20.64
CA GLN A 71 -20.35 5.28 -20.00
C GLN A 71 -19.60 4.09 -19.43
N ASN A 72 -18.45 3.73 -19.98
CA ASN A 72 -17.65 2.65 -19.42
C ASN A 72 -17.06 3.11 -18.09
N LEU A 73 -17.33 2.35 -17.03
CA LEU A 73 -16.89 2.75 -15.70
C LEU A 73 -15.41 2.46 -15.48
N THR A 74 -14.80 1.64 -16.34
CA THR A 74 -13.38 1.33 -16.16
C THR A 74 -12.51 2.54 -16.41
N ILE A 75 -12.75 3.25 -17.52
CA ILE A 75 -11.95 4.44 -17.81
C ILE A 75 -12.53 5.70 -17.16
N LYS A 76 -13.80 5.67 -16.76
CA LYS A 76 -14.38 6.79 -16.03
C LYS A 76 -13.66 7.00 -14.70
N ARG A 77 -13.37 5.92 -13.99
CA ARG A 77 -12.63 6.02 -12.74
C ARG A 77 -11.21 6.52 -12.97
N GLN A 78 -10.57 6.07 -14.05
CA GLN A 78 -9.24 6.56 -14.37
C GLN A 78 -9.23 8.05 -14.67
N LEU A 79 -10.22 8.51 -15.44
CA LEU A 79 -10.33 9.95 -15.73
C LEU A 79 -10.59 10.74 -14.46
N GLN A 80 -11.45 10.22 -13.58
CA GLN A 80 -11.71 10.91 -12.32
C GLN A 80 -10.46 11.00 -11.46
N ALA A 81 -9.68 9.92 -11.40
CA ALA A 81 -8.45 9.92 -10.61
C ALA A 81 -7.43 10.90 -11.19
N LEU A 82 -7.30 10.93 -12.52
CA LEU A 82 -6.31 11.81 -13.14
C LEU A 82 -6.72 13.27 -13.04
N GLN A 83 -8.00 13.57 -13.22
CA GLN A 83 -8.46 14.96 -13.20
C GLN A 83 -8.41 15.55 -11.80
N GLN A 84 -8.67 14.72 -10.78
CA GLN A 84 -8.73 15.22 -9.41
C GLN A 84 -7.31 15.53 -8.95
N SER A 85 -6.89 16.78 -9.15
CA SER A 85 -5.58 17.24 -8.75
C SER A 85 -5.65 18.66 -8.19
N GLY A 86 -6.74 18.99 -7.51
CA GLY A 86 -6.97 20.35 -7.06
C GLY A 86 -6.13 20.77 -5.88
N SER A 87 -4.82 20.58 -5.97
CA SER A 87 -3.88 21.13 -5.01
C SER A 87 -3.18 22.37 -5.52
N SER A 88 -2.95 22.47 -6.83
CA SER A 88 -2.41 23.66 -7.46
C SER A 88 -3.48 24.56 -8.04
N ALA A 89 -4.76 24.23 -7.85
CA ALA A 89 -5.87 25.03 -8.36
C ALA A 89 -6.09 26.24 -7.46
N LEU A 90 -5.09 27.12 -7.46
CA LEU A 90 -5.10 28.32 -6.64
C LEU A 90 -4.07 29.29 -7.19
N SER A 91 -4.18 30.55 -6.75
CA SER A 91 -3.22 31.56 -7.18
C SER A 91 -1.82 31.25 -6.66
N ALA A 92 -0.82 31.72 -7.40
CA ALA A 92 0.57 31.40 -7.07
C ALA A 92 0.97 31.99 -5.72
N ASP A 93 0.61 33.25 -5.45
CA ASP A 93 0.98 33.86 -4.18
C ASP A 93 0.31 33.16 -3.00
N LYS A 94 -0.96 32.81 -3.16
CA LYS A 94 -1.65 32.06 -2.10
C LYS A 94 -1.01 30.71 -1.88
N ASN A 95 -0.59 30.04 -2.97
CA ASN A 95 0.07 28.75 -2.86
C ASN A 95 1.39 28.89 -2.10
N LYS A 96 2.20 29.91 -2.43
CA LYS A 96 3.46 30.12 -1.73
C LYS A 96 3.22 30.42 -0.25
N GLN A 97 2.20 31.22 0.04
CA GLN A 97 1.86 31.49 1.44
C GLN A 97 1.48 30.20 2.17
N LEU A 98 0.67 29.35 1.53
CA LEU A 98 0.29 28.09 2.16
C LEU A 98 1.52 27.22 2.42
N ASN A 99 2.41 27.10 1.43
CA ASN A 99 3.59 26.27 1.61
C ASN A 99 4.48 26.78 2.73
N THR A 100 4.67 28.11 2.82
CA THR A 100 5.51 28.63 3.88
C THR A 100 4.86 28.46 5.24
N ILE A 101 3.52 28.49 5.29
CA ILE A 101 2.83 28.23 6.56
C ILE A 101 3.04 26.79 7.00
N LEU A 102 2.89 25.82 6.08
CA LEU A 102 3.17 24.44 6.44
C LEU A 102 4.62 24.27 6.89
N ASN A 103 5.56 24.90 6.17
CA ASN A 103 6.97 24.76 6.52
C ASN A 103 7.26 25.31 7.91
N THR A 104 6.75 26.49 8.22
CA THR A 104 7.01 27.09 9.52
C THR A 104 6.32 26.33 10.64
N MET A 105 5.12 25.79 10.39
CA MET A 105 4.45 24.97 11.39
C MET A 105 5.26 23.71 11.69
N SER A 106 5.77 23.07 10.65
CA SER A 106 6.59 21.87 10.84
C SER A 106 7.87 22.20 11.60
N THR A 107 8.52 23.32 11.26
CA THR A 107 9.74 23.70 11.97
C THR A 107 9.47 24.00 13.44
N ILE A 108 8.36 24.70 13.73
CA ILE A 108 8.03 24.98 15.12
C ILE A 108 7.76 23.68 15.88
N TYR A 109 7.03 22.75 15.27
CA TYR A 109 6.75 21.49 15.95
C TYR A 109 8.04 20.70 16.21
N SER A 110 8.94 20.65 15.23
CA SER A 110 10.13 19.83 15.38
C SER A 110 11.14 20.46 16.33
N THR A 111 11.30 21.78 16.27
CA THR A 111 12.35 22.45 17.05
C THR A 111 11.92 22.68 18.50
N GLY A 112 10.62 22.60 18.79
CA GLY A 112 10.08 22.95 20.09
C GLY A 112 10.77 22.29 21.28
N LYS A 113 11.04 23.07 22.31
CA LYS A 113 11.77 22.61 23.48
C LYS A 113 11.16 23.21 24.74
N VAL A 114 11.16 22.43 25.82
CA VAL A 114 10.65 22.87 27.11
C VAL A 114 11.73 22.62 28.15
N CYS A 115 11.76 23.44 29.19
CA CYS A 115 12.81 23.42 30.19
C CYS A 115 12.28 23.07 31.57
N ASN A 116 13.15 22.47 32.37
CA ASN A 116 12.82 22.14 33.75
C ASN A 116 12.59 23.43 34.55
N PRO A 117 11.41 23.58 35.16
CA PRO A 117 11.13 24.82 35.92
C PRO A 117 11.87 24.91 37.24
N LYS A 118 12.63 23.89 37.63
CA LYS A 118 13.47 23.97 38.83
C LYS A 118 14.96 23.80 38.54
N ASN A 119 15.34 23.33 37.36
CA ASN A 119 16.74 23.23 36.95
C ASN A 119 16.87 23.88 35.58
N PRO A 120 17.24 25.16 35.52
CA PRO A 120 17.16 25.89 34.24
C PRO A 120 18.02 25.32 33.11
N GLN A 121 19.17 24.74 33.40
CA GLN A 121 20.10 24.35 32.34
C GLN A 121 19.82 22.99 31.74
N GLU A 122 18.79 22.27 32.23
CA GLU A 122 18.35 21.03 31.62
C GLU A 122 17.04 21.29 30.88
N CYS A 123 17.09 21.24 29.55
CA CYS A 123 15.92 21.40 28.70
C CYS A 123 15.83 20.18 27.78
N LEU A 124 14.61 19.67 27.59
CA LEU A 124 14.41 18.40 26.91
C LEU A 124 13.55 18.59 25.68
N LEU A 125 13.65 17.62 24.76
CA LEU A 125 12.86 17.56 23.54
C LEU A 125 11.79 16.48 23.68
N LEU A 126 11.06 16.22 22.59
CA LEU A 126 9.99 15.23 22.62
C LEU A 126 10.53 13.81 22.50
N GLU A 127 11.31 13.53 21.44
CA GLU A 127 11.72 12.15 21.19
C GLU A 127 12.71 11.65 22.23
N PRO A 128 13.86 12.31 22.48
CA PRO A 128 14.69 11.91 23.64
C PRO A 128 14.35 12.73 24.89
N GLY A 129 13.21 12.43 25.50
CA GLY A 129 12.69 13.35 26.49
C GLY A 129 11.28 13.09 27.01
N LEU A 130 10.44 14.11 26.86
CA LEU A 130 9.06 14.10 27.32
C LEU A 130 8.33 12.79 27.03
N ASP A 131 8.55 12.19 25.86
CA ASP A 131 7.91 10.91 25.57
C ASP A 131 8.35 9.84 26.56
N ASP A 132 9.65 9.78 26.85
CA ASP A 132 10.15 8.81 27.82
C ASP A 132 9.63 9.10 29.22
N ILE A 133 9.57 10.39 29.59
CA ILE A 133 9.16 10.73 30.94
C ILE A 133 7.68 10.39 31.15
N MET A 134 6.86 10.56 30.11
CA MET A 134 5.48 10.07 30.19
C MET A 134 5.41 8.55 30.20
N ALA A 135 6.28 7.89 29.43
CA ALA A 135 6.22 6.43 29.35
C ALA A 135 6.60 5.77 30.67
N THR A 136 7.55 6.36 31.40
CA THR A 136 8.14 5.70 32.56
C THR A 136 7.81 6.34 33.90
N SER A 137 7.87 7.66 34.01
CA SER A 137 7.77 8.32 35.32
C SER A 137 6.38 8.12 35.91
N THR A 138 6.28 8.38 37.22
CA THR A 138 5.07 8.13 37.97
C THR A 138 4.68 9.37 38.77
N ASP A 139 5.66 10.21 39.11
CA ASP A 139 5.40 11.37 39.94
C ASP A 139 4.35 12.28 39.31
N TYR A 140 3.42 12.74 40.14
CA TYR A 140 2.31 13.56 39.66
C TYR A 140 2.79 14.90 39.12
N ASN A 141 3.60 15.62 39.91
CA ASN A 141 4.03 16.95 39.53
C ASN A 141 4.96 16.93 38.33
N GLU A 142 5.80 15.90 38.20
CA GLU A 142 6.69 15.80 37.05
C GLU A 142 5.89 15.73 35.75
N ARG A 143 4.93 14.80 35.69
CA ARG A 143 4.08 14.68 34.53
C ARG A 143 3.28 15.96 34.30
N LEU A 144 2.79 16.57 35.38
CA LEU A 144 1.98 17.78 35.25
C LEU A 144 2.77 18.90 34.59
N TRP A 145 3.99 19.15 35.08
CA TRP A 145 4.76 20.26 34.50
C TRP A 145 5.22 19.92 33.08
N ALA A 146 5.60 18.67 32.82
CA ALA A 146 6.01 18.31 31.46
C ALA A 146 4.87 18.46 30.47
N TRP A 147 3.64 18.12 30.89
CA TRP A 147 2.46 18.33 30.07
C TRP A 147 2.22 19.82 29.83
N GLU A 148 2.18 20.60 30.91
CA GLU A 148 1.79 22.00 30.80
C GLU A 148 2.81 22.81 30.00
N GLY A 149 4.10 22.51 30.17
CA GLY A 149 5.11 23.23 29.42
C GLY A 149 4.97 23.04 27.93
N TRP A 150 4.78 21.78 27.49
CA TRP A 150 4.60 21.50 26.08
C TRP A 150 3.32 22.17 25.56
N ARG A 151 2.24 22.09 26.33
CA ARG A 151 1.00 22.73 25.91
C ARG A 151 1.16 24.25 25.78
N ALA A 152 1.94 24.87 26.65
CA ALA A 152 2.10 26.32 26.64
C ALA A 152 3.19 26.80 25.69
N GLU A 153 4.06 25.91 25.19
CA GLU A 153 5.05 26.39 24.24
C GLU A 153 4.75 25.96 22.81
N VAL A 154 3.80 25.04 22.61
CA VAL A 154 3.41 24.69 21.25
C VAL A 154 2.19 25.48 20.80
N GLY A 155 1.16 25.52 21.65
CA GLY A 155 -0.09 26.17 21.25
C GLY A 155 0.05 27.68 21.07
N LYS A 156 0.81 28.32 21.95
CA LYS A 156 1.02 29.76 21.84
C LYS A 156 1.58 30.15 20.49
N GLN A 157 2.43 29.30 19.91
CA GLN A 157 3.03 29.60 18.61
C GLN A 157 2.19 29.10 17.44
N LEU A 158 1.43 28.02 17.61
CA LEU A 158 0.67 27.47 16.49
C LEU A 158 -0.78 27.92 16.43
N ARG A 159 -1.24 28.77 17.36
CA ARG A 159 -2.63 29.21 17.32
C ARG A 159 -2.94 30.07 16.10
N PRO A 160 -2.36 31.27 15.94
CA PRO A 160 -2.75 32.11 14.79
C PRO A 160 -2.40 31.50 13.44
N LEU A 161 -1.33 30.72 13.39
CA LEU A 161 -0.97 30.03 12.15
C LEU A 161 -2.09 29.09 11.72
N TYR A 162 -2.63 28.30 12.64
CA TYR A 162 -3.75 27.43 12.33
C TYR A 162 -5.00 28.25 11.99
N GLU A 163 -5.22 29.36 12.71
CA GLU A 163 -6.40 30.18 12.48
C GLU A 163 -6.42 30.72 11.05
N GLU A 164 -5.27 31.19 10.56
CA GLU A 164 -5.21 31.73 9.21
C GLU A 164 -4.96 30.63 8.17
N TYR A 165 -4.59 29.43 8.63
CA TYR A 165 -4.50 28.28 7.74
C TYR A 165 -5.86 27.71 7.38
N VAL A 166 -6.81 27.77 8.32
CA VAL A 166 -8.14 27.21 8.08
C VAL A 166 -8.81 27.90 6.90
N VAL A 167 -8.74 29.23 6.83
CA VAL A 167 -9.41 29.95 5.76
C VAL A 167 -8.75 29.67 4.42
N LEU A 168 -7.41 29.56 4.39
CA LEU A 168 -6.74 29.23 3.13
C LEU A 168 -7.12 27.85 2.64
N LYS A 169 -7.18 26.86 3.55
CA LYS A 169 -7.58 25.52 3.13
C LYS A 169 -9.03 25.48 2.67
N ASN A 170 -9.90 26.26 3.33
CA ASN A 170 -11.29 26.35 2.86
C ASN A 170 -11.37 26.98 1.48
N GLU A 171 -10.55 28.01 1.23
CA GLU A 171 -10.50 28.63 -0.09
C GLU A 171 -10.04 27.63 -1.15
N MET A 172 -9.02 26.83 -0.81
CA MET A 172 -8.55 25.80 -1.75
C MET A 172 -9.64 24.76 -2.00
N ALA A 173 -10.37 24.38 -0.96
CA ALA A 173 -11.39 23.34 -1.09
C ALA A 173 -12.58 23.83 -1.90
N ARG A 174 -12.98 25.09 -1.72
CA ARG A 174 -14.14 25.59 -2.44
C ARG A 174 -13.70 26.06 -3.83
N ALA A 175 -12.99 25.19 -4.53
CA ALA A 175 -12.69 25.37 -5.94
C ALA A 175 -12.83 24.08 -6.73
N ASN A 176 -13.14 22.97 -6.07
CA ASN A 176 -13.30 21.67 -6.70
C ASN A 176 -14.70 21.09 -6.45
N ASN A 177 -15.71 21.95 -6.47
CA ASN A 177 -17.09 21.57 -6.15
C ASN A 177 -17.18 20.93 -4.77
N TYR A 178 -16.46 21.50 -3.81
CA TYR A 178 -16.50 21.09 -2.42
C TYR A 178 -16.86 22.29 -1.55
N GLU A 179 -17.52 22.02 -0.42
CA GLU A 179 -17.95 23.10 0.46
C GLU A 179 -16.94 23.46 1.54
N ASP A 180 -15.98 22.60 1.84
CA ASP A 180 -14.98 22.87 2.87
C ASP A 180 -13.87 21.83 2.78
N TYR A 181 -12.87 21.98 3.64
CA TYR A 181 -11.77 21.02 3.76
C TYR A 181 -12.16 19.78 4.54
N GLY A 182 -13.46 19.55 4.68
CA GLY A 182 -14.07 18.40 5.29
C GLY A 182 -14.36 17.41 4.18
N ASP A 183 -15.55 17.51 3.59
CA ASP A 183 -16.01 16.71 2.46
C ASP A 183 -14.87 16.37 1.50
N TYR A 184 -13.96 17.32 1.23
CA TYR A 184 -12.78 16.98 0.44
C TYR A 184 -12.05 15.76 0.99
N TRP A 185 -11.78 15.73 2.30
CA TRP A 185 -11.14 14.56 2.89
C TRP A 185 -12.02 13.33 2.81
N ARG A 186 -13.32 13.48 3.08
CA ARG A 186 -14.25 12.35 3.08
C ARG A 186 -14.49 11.80 1.68
N GLY A 187 -14.10 12.52 0.64
CA GLY A 187 -14.34 12.11 -0.73
C GLY A 187 -13.64 10.84 -1.16
N ASP A 188 -12.66 10.36 -0.38
CA ASP A 188 -12.07 9.07 -0.69
C ASP A 188 -13.10 7.97 -0.49
N TYR A 189 -13.95 8.11 0.53
CA TYR A 189 -15.04 7.16 0.79
C TYR A 189 -16.19 7.39 -0.20
N GLU A 190 -15.86 7.33 -1.49
CA GLU A 190 -16.81 7.54 -2.56
C GLU A 190 -16.84 6.32 -3.46
N ALA A 191 -18.05 5.93 -3.88
CA ALA A 191 -18.21 4.77 -4.73
C ALA A 191 -19.35 5.01 -5.70
N GLU A 192 -19.28 4.34 -6.85
CA GLU A 192 -20.33 4.40 -7.86
C GLU A 192 -20.43 3.05 -8.53
N GLY A 193 -21.64 2.73 -9.02
CA GLY A 193 -21.86 1.46 -9.68
C GLY A 193 -23.32 1.08 -9.79
N ALA A 194 -23.64 -0.16 -9.43
CA ALA A 194 -25.00 -0.66 -9.52
C ALA A 194 -25.86 -0.09 -8.39
N ASP A 195 -27.13 -0.46 -8.39
CA ASP A 195 -28.06 0.04 -7.38
C ASP A 195 -27.71 -0.52 -6.01
N GLY A 196 -27.83 0.32 -4.99
CA GLY A 196 -27.52 -0.08 -3.64
C GLY A 196 -26.05 -0.17 -3.31
N TYR A 197 -25.19 0.26 -4.23
CA TYR A 197 -23.74 0.17 -4.03
C TYR A 197 -23.07 1.52 -3.91
N ASN A 198 -23.79 2.62 -4.14
CA ASN A 198 -23.19 3.94 -4.04
C ASN A 198 -22.93 4.30 -2.58
N TYR A 199 -21.97 5.22 -2.39
CA TYR A 199 -21.59 5.65 -1.05
C TYR A 199 -21.00 7.05 -1.15
N ASN A 200 -21.74 8.05 -0.68
CA ASN A 200 -21.28 9.43 -0.67
C ASN A 200 -20.63 9.73 0.68
N GLY A 201 -20.06 10.93 0.78
CA GLY A 201 -19.35 11.32 1.98
C GLY A 201 -20.21 11.69 3.17
N ASN A 202 -21.51 11.85 2.97
CA ASN A 202 -22.41 12.20 4.06
C ASN A 202 -22.89 10.99 4.86
N GLN A 203 -22.68 9.78 4.35
CA GLN A 203 -23.06 8.58 5.09
C GLN A 203 -21.99 8.15 6.08
N LEU A 204 -20.74 8.55 5.87
CA LEU A 204 -19.68 8.21 6.80
C LEU A 204 -19.89 8.86 8.17
N ILE A 205 -20.33 10.13 8.19
CA ILE A 205 -20.56 10.84 9.44
C ILE A 205 -21.68 10.21 10.26
N GLU A 206 -22.54 9.40 9.65
CA GLU A 206 -23.58 8.65 10.37
C GLU A 206 -23.14 7.25 10.73
N ASP A 207 -22.43 6.57 9.83
CA ASP A 207 -21.93 5.23 10.13
C ASP A 207 -20.95 5.26 11.29
N VAL A 208 -20.07 6.26 11.33
CA VAL A 208 -19.11 6.38 12.42
C VAL A 208 -19.83 6.59 13.76
N GLU A 209 -20.84 7.47 13.76
CA GLU A 209 -21.59 7.71 15.00
C GLU A 209 -22.30 6.46 15.47
N ARG A 210 -22.94 5.74 14.54
CA ARG A 210 -23.64 4.50 14.91
C ARG A 210 -22.67 3.48 15.49
N THR A 211 -21.51 3.31 14.83
CA THR A 211 -20.53 2.35 15.30
C THR A 211 -20.01 2.72 16.69
N PHE A 212 -19.71 4.00 16.91
CA PHE A 212 -19.23 4.41 18.23
C PHE A 212 -20.30 4.24 19.30
N LYS A 213 -21.56 4.52 18.95
CA LYS A 213 -22.65 4.34 19.90
C LYS A 213 -22.78 2.87 20.29
N GLU A 214 -22.57 1.97 19.35
CA GLU A 214 -22.59 0.55 19.69
C GLU A 214 -21.34 0.13 20.46
N ILE A 215 -20.22 0.79 20.21
CA ILE A 215 -18.95 0.42 20.86
C ILE A 215 -18.94 0.83 22.32
N LYS A 216 -19.52 1.98 22.65
CA LYS A 216 -19.31 2.67 23.92
C LYS A 216 -19.30 1.81 25.18
N PRO A 217 -20.26 0.90 25.42
CA PRO A 217 -20.30 0.23 26.74
C PRO A 217 -19.04 -0.54 27.10
N LEU A 218 -18.39 -1.18 26.13
CA LEU A 218 -17.14 -1.89 26.44
C LEU A 218 -16.06 -0.91 26.87
N TYR A 219 -15.98 0.24 26.20
CA TYR A 219 -15.04 1.28 26.63
C TYR A 219 -15.38 1.79 28.02
N GLU A 220 -16.68 1.88 28.34
CA GLU A 220 -17.07 2.31 29.68
C GLU A 220 -16.60 1.32 30.73
N GLN A 221 -16.76 0.02 30.45
CA GLN A 221 -16.28 -1.00 31.38
C GLN A 221 -14.77 -0.92 31.56
N LEU A 222 -14.03 -0.80 30.46
CA LEU A 222 -12.58 -0.72 30.53
C LEU A 222 -12.13 0.53 31.29
N HIS A 223 -12.79 1.66 31.03
CA HIS A 223 -12.44 2.90 31.71
C HIS A 223 -12.73 2.81 33.21
N ALA A 224 -13.85 2.20 33.58
CA ALA A 224 -14.16 2.02 34.99
C ALA A 224 -13.13 1.14 35.68
N TYR A 225 -12.73 0.04 35.02
CA TYR A 225 -11.74 -0.85 35.62
C TYR A 225 -10.39 -0.15 35.77
N VAL A 226 -9.98 0.61 34.75
CA VAL A 226 -8.71 1.33 34.81
C VAL A 226 -8.75 2.39 35.91
N ARG A 227 -9.88 3.09 36.04
CA ARG A 227 -10.02 4.09 37.10
C ARG A 227 -9.94 3.45 38.48
N THR A 228 -10.60 2.30 38.66
CA THR A 228 -10.54 1.63 39.96
C THR A 228 -9.13 1.15 40.26
N LYS A 229 -8.41 0.65 39.25
CA LYS A 229 -7.05 0.16 39.48
C LYS A 229 -6.06 1.30 39.68
N LEU A 230 -6.33 2.47 39.12
CA LEU A 230 -5.42 3.61 39.22
C LEU A 230 -5.73 4.46 40.45
N MET A 231 -5.80 3.82 41.60
CA MET A 231 -5.94 4.52 42.88
C MET A 231 -4.92 4.08 43.91
N ASN A 232 -4.25 2.95 43.72
CA ASN A 232 -3.14 2.55 44.58
C ASN A 232 -1.86 3.30 44.27
N THR A 233 -1.83 4.06 43.18
CA THR A 233 -0.67 4.87 42.80
C THR A 233 -0.84 6.35 43.12
N TYR A 234 -2.05 6.89 43.00
CA TYR A 234 -2.34 8.29 43.30
C TYR A 234 -3.57 8.35 44.19
N PRO A 235 -3.45 7.93 45.46
CA PRO A 235 -4.64 7.89 46.32
C PRO A 235 -4.93 9.23 46.97
N SER A 236 -4.79 10.31 46.21
CA SER A 236 -5.24 11.63 46.65
C SER A 236 -5.81 12.47 45.52
N TYR A 237 -5.90 11.96 44.30
CA TYR A 237 -6.21 12.76 43.13
C TYR A 237 -7.34 12.22 42.26
N ILE A 238 -7.72 10.95 42.41
CA ILE A 238 -8.68 10.31 41.53
C ILE A 238 -10.03 10.24 42.25
N SER A 239 -11.06 10.78 41.59
CA SER A 239 -12.42 10.71 42.12
C SER A 239 -13.11 9.44 41.64
N PRO A 240 -13.70 8.65 42.54
CA PRO A 240 -14.40 7.44 42.11
C PRO A 240 -15.53 7.70 41.13
N THR A 241 -16.14 8.88 41.18
CA THR A 241 -17.24 9.24 40.28
C THR A 241 -16.79 10.13 39.13
N GLY A 242 -15.60 10.71 39.21
CA GLY A 242 -15.13 11.66 38.22
C GLY A 242 -14.40 11.01 37.07
N CYS A 243 -13.68 11.85 36.32
CA CYS A 243 -12.96 11.43 35.13
C CYS A 243 -11.47 11.23 35.45
N LEU A 244 -10.68 11.02 34.40
CA LEU A 244 -9.26 10.75 34.54
C LEU A 244 -8.47 11.95 34.03
N PRO A 245 -7.47 12.42 34.78
CA PRO A 245 -6.64 13.53 34.29
C PRO A 245 -5.88 13.16 33.03
N ALA A 246 -5.65 14.18 32.18
CA ALA A 246 -5.01 13.97 30.89
C ALA A 246 -3.54 13.61 30.99
N HIS A 247 -2.87 13.95 32.10
CA HIS A 247 -1.43 13.72 32.24
C HIS A 247 -1.13 12.45 33.01
N LEU A 248 -2.03 11.47 32.98
CA LEU A 248 -1.80 10.20 33.67
C LEU A 248 -2.19 9.00 32.79
N LEU A 249 -2.19 9.16 31.47
CA LEU A 249 -2.65 8.12 30.57
C LEU A 249 -1.51 7.46 29.80
N GLY A 250 -0.29 7.52 30.33
CA GLY A 250 0.82 6.82 29.72
C GLY A 250 1.34 7.40 28.43
N ASP A 251 0.85 8.57 28.03
CA ASP A 251 1.28 9.20 26.78
C ASP A 251 1.06 10.69 26.90
N MET A 252 1.73 11.44 26.01
CA MET A 252 1.60 12.90 26.03
C MET A 252 0.17 13.34 25.74
N TRP A 253 -0.48 12.69 24.77
CA TRP A 253 -1.81 13.11 24.32
C TRP A 253 -2.91 12.17 24.76
N GLY A 254 -2.58 10.94 25.14
CA GLY A 254 -3.58 9.93 25.40
C GLY A 254 -3.92 9.05 24.22
N ARG A 255 -3.08 9.04 23.19
CA ARG A 255 -3.38 8.26 21.98
C ARG A 255 -3.46 6.77 22.29
N PHE A 256 -2.55 6.25 23.11
CA PHE A 256 -2.52 4.83 23.45
C PHE A 256 -2.44 4.65 24.95
N TRP A 257 -3.08 3.59 25.43
CA TRP A 257 -3.06 3.22 26.84
C TRP A 257 -2.13 2.03 27.12
N THR A 258 -1.28 1.66 26.16
CA THR A 258 -0.48 0.46 26.30
C THR A 258 0.58 0.58 27.39
N ASN A 259 0.91 1.80 27.82
CA ASN A 259 1.91 1.99 28.86
C ASN A 259 1.35 1.84 30.26
N LEU A 260 0.05 1.63 30.41
CA LEU A 260 -0.57 1.40 31.71
C LEU A 260 -0.61 -0.06 32.11
N TYR A 261 -0.07 -0.95 31.28
CA TYR A 261 -0.08 -2.37 31.60
C TYR A 261 0.62 -2.71 32.91
N PRO A 262 1.85 -2.24 33.18
CA PRO A 262 2.50 -2.63 34.44
C PRO A 262 1.73 -2.21 35.68
N LEU A 263 0.93 -1.15 35.62
CA LEU A 263 0.10 -0.73 36.74
C LEU A 263 -1.27 -1.41 36.74
N THR A 264 -1.61 -2.16 35.69
CA THR A 264 -2.96 -2.71 35.55
C THR A 264 -2.90 -4.15 35.06
N VAL A 265 -1.94 -4.92 35.58
CA VAL A 265 -1.87 -6.35 35.20
C VAL A 265 -2.97 -7.10 35.95
N PRO A 266 -3.78 -7.92 35.26
CA PRO A 266 -4.78 -8.73 35.97
C PRO A 266 -4.14 -9.73 36.93
N PHE A 267 -3.23 -10.56 36.42
CA PHE A 267 -2.52 -11.55 37.21
C PHE A 267 -1.03 -11.35 36.98
N GLY A 268 -0.36 -10.70 37.93
CA GLY A 268 1.04 -10.37 37.80
C GLY A 268 2.03 -11.39 38.30
N GLN A 269 1.56 -12.59 38.65
CA GLN A 269 2.43 -13.63 39.21
C GLN A 269 2.89 -14.63 38.16
N LYS A 270 2.81 -14.27 36.88
CA LYS A 270 3.27 -15.16 35.81
C LYS A 270 3.62 -14.36 34.56
N PRO A 271 4.75 -14.65 33.93
CA PRO A 271 5.15 -13.88 32.75
C PRO A 271 4.31 -14.23 31.53
N ASN A 272 4.31 -13.32 30.58
CA ASN A 272 3.61 -13.51 29.31
C ASN A 272 4.52 -14.27 28.34
N ILE A 273 3.90 -14.79 27.28
CA ILE A 273 4.64 -15.55 26.28
C ILE A 273 5.56 -14.62 25.51
N ASP A 274 6.87 -14.86 25.60
CA ASP A 274 7.89 -14.07 24.91
C ASP A 274 8.92 -15.09 24.43
N VAL A 275 8.77 -15.54 23.19
CA VAL A 275 9.63 -16.57 22.61
C VAL A 275 10.79 -15.86 21.93
N THR A 276 11.82 -15.55 22.69
CA THR A 276 13.06 -15.00 22.17
C THR A 276 14.27 -15.85 22.50
N ASP A 277 14.35 -16.37 23.73
CA ASP A 277 15.42 -17.29 24.08
C ASP A 277 15.36 -18.56 23.24
N ALA A 278 14.15 -18.98 22.86
CA ALA A 278 14.01 -20.16 22.01
C ALA A 278 14.70 -19.96 20.67
N MET A 279 14.50 -18.80 20.04
CA MET A 279 15.21 -18.50 18.80
C MET A 279 16.69 -18.24 19.00
N VAL A 280 17.08 -17.65 20.14
CA VAL A 280 18.48 -17.39 20.39
C VAL A 280 19.27 -18.70 20.51
N ASN A 281 18.71 -19.67 21.25
CA ASN A 281 19.41 -20.93 21.46
C ASN A 281 19.28 -21.90 20.30
N GLN A 282 18.35 -21.67 19.37
CA GLN A 282 18.17 -22.56 18.23
C GLN A 282 18.96 -22.12 17.01
N GLY A 283 19.69 -21.01 17.09
CA GLY A 283 20.47 -20.54 15.95
C GLY A 283 19.62 -19.96 14.84
N TRP A 284 18.90 -18.88 15.14
CA TRP A 284 18.04 -18.23 14.16
C TRP A 284 18.67 -16.91 13.73
N ASN A 285 18.71 -16.69 12.42
CA ASN A 285 19.22 -15.46 11.83
C ASN A 285 18.07 -14.67 11.22
N ALA A 286 18.41 -13.54 10.58
CA ALA A 286 17.40 -12.69 9.98
C ALA A 286 16.68 -13.36 8.83
N GLU A 287 17.35 -14.25 8.09
CA GLU A 287 16.73 -14.88 6.93
C GLU A 287 15.70 -15.94 7.31
N ARG A 288 15.90 -16.61 8.45
CA ARG A 288 14.99 -17.69 8.83
C ARG A 288 13.59 -17.17 9.14
N ILE A 289 13.50 -15.99 9.74
CA ILE A 289 12.19 -15.39 10.01
C ILE A 289 11.43 -15.16 8.71
N PHE A 290 12.12 -14.61 7.71
CA PHE A 290 11.45 -14.34 6.44
C PHE A 290 11.12 -15.63 5.70
N LYS A 291 11.96 -16.66 5.82
CA LYS A 291 11.62 -17.96 5.24
C LYS A 291 10.38 -18.56 5.90
N GLU A 292 10.27 -18.43 7.23
CA GLU A 292 9.08 -18.92 7.92
C GLU A 292 7.84 -18.16 7.49
N ALA A 293 7.96 -16.84 7.33
CA ALA A 293 6.82 -16.06 6.85
C ALA A 293 6.42 -16.46 5.44
N GLU A 294 7.41 -16.71 4.58
CA GLU A 294 7.13 -17.19 3.23
C GLU A 294 6.40 -18.53 3.26
N LYS A 295 6.85 -19.44 4.12
CA LYS A 295 6.20 -20.75 4.24
C LYS A 295 4.76 -20.59 4.72
N PHE A 296 4.54 -19.72 5.70
CA PHE A 296 3.19 -19.46 6.19
C PHE A 296 2.30 -18.92 5.08
N PHE A 297 2.83 -18.00 4.27
CA PHE A 297 2.02 -17.40 3.21
C PHE A 297 1.73 -18.38 2.09
N VAL A 298 2.68 -19.28 1.79
CA VAL A 298 2.46 -20.24 0.71
C VAL A 298 1.59 -21.40 1.20
N SER A 299 1.49 -21.58 2.52
CA SER A 299 0.62 -22.63 3.04
C SER A 299 -0.84 -22.40 2.69
N VAL A 300 -1.26 -21.13 2.64
CA VAL A 300 -2.66 -20.81 2.40
C VAL A 300 -2.98 -20.67 0.91
N GLY A 301 -2.03 -20.94 0.02
CA GLY A 301 -2.28 -20.88 -1.40
C GLY A 301 -1.75 -19.64 -2.10
N LEU A 302 -1.28 -18.65 -1.36
CA LEU A 302 -0.73 -17.46 -1.99
C LEU A 302 0.60 -17.78 -2.67
N PRO A 303 0.98 -17.02 -3.70
CA PRO A 303 2.20 -17.36 -4.46
C PRO A 303 3.48 -17.21 -3.67
N TYR A 304 4.59 -17.60 -4.28
CA TYR A 304 5.91 -17.49 -3.67
C TYR A 304 6.38 -16.05 -3.75
N MET A 305 7.65 -15.83 -3.43
CA MET A 305 8.26 -14.50 -3.49
C MET A 305 9.24 -14.44 -4.65
N THR A 306 9.32 -13.26 -5.26
CA THR A 306 10.12 -13.08 -6.45
C THR A 306 11.60 -13.31 -6.14
N GLN A 307 12.34 -13.80 -7.14
CA GLN A 307 13.76 -14.08 -6.94
C GLN A 307 14.53 -12.80 -6.65
N GLY A 308 14.16 -11.70 -7.31
CA GLY A 308 14.83 -10.43 -7.07
C GLY A 308 14.59 -9.86 -5.69
N PHE A 309 13.53 -10.31 -5.01
CA PHE A 309 13.28 -9.88 -3.64
C PHE A 309 14.41 -10.32 -2.71
N TRP A 310 14.93 -11.54 -2.90
CA TRP A 310 15.96 -12.04 -2.01
C TRP A 310 17.32 -11.41 -2.29
N GLU A 311 17.47 -10.72 -3.42
CA GLU A 311 18.73 -10.09 -3.78
C GLU A 311 18.76 -8.58 -3.59
N ASN A 312 17.62 -7.91 -3.77
CA ASN A 312 17.58 -6.46 -3.74
C ASN A 312 17.03 -5.89 -2.43
N SER A 313 16.71 -6.73 -1.45
CA SER A 313 16.13 -6.28 -0.20
C SER A 313 17.19 -6.25 0.89
N MET A 314 17.21 -5.15 1.64
CA MET A 314 18.11 -5.00 2.79
C MET A 314 17.37 -5.52 4.02
N LEU A 315 17.57 -6.81 4.33
CA LEU A 315 16.89 -7.44 5.44
C LEU A 315 17.60 -7.25 6.77
N THR A 316 18.79 -6.68 6.78
CA THR A 316 19.53 -6.46 8.01
C THR A 316 20.43 -5.25 7.83
N ASP A 317 20.84 -4.66 8.95
CA ASP A 317 21.72 -3.49 8.90
C ASP A 317 23.07 -3.90 8.35
N PRO A 318 23.66 -3.12 7.43
CA PRO A 318 24.95 -3.50 6.86
C PRO A 318 26.08 -3.59 7.88
N GLY A 319 26.03 -2.80 8.95
CA GLY A 319 27.09 -2.86 9.96
C GLY A 319 28.44 -2.39 9.46
N ASP A 320 28.47 -1.30 8.69
CA ASP A 320 29.70 -0.75 8.16
C ASP A 320 29.54 0.76 8.04
N ASP A 321 30.42 1.40 7.28
CA ASP A 321 30.38 2.84 7.08
C ASP A 321 29.27 3.20 6.08
N ARG A 322 28.04 2.84 6.45
CA ARG A 322 26.86 3.12 5.64
C ARG A 322 25.69 3.32 6.60
N LYS A 323 25.42 4.57 6.95
CA LYS A 323 24.30 4.88 7.83
C LYS A 323 23.01 4.87 7.03
N VAL A 324 21.95 4.31 7.63
CA VAL A 324 20.69 4.06 6.94
C VAL A 324 19.55 4.58 7.80
N VAL A 325 18.38 4.69 7.16
CA VAL A 325 17.15 4.98 7.88
C VAL A 325 16.55 3.65 8.35
N CYS A 326 16.58 3.42 9.65
CA CYS A 326 16.14 2.15 10.22
C CYS A 326 14.69 2.26 10.67
N HIS A 327 13.79 1.98 9.72
CA HIS A 327 12.36 2.00 9.97
C HIS A 327 11.72 0.97 9.03
N PRO A 328 10.91 0.05 9.55
CA PRO A 328 10.32 -1.00 8.70
C PRO A 328 9.37 -0.40 7.67
N THR A 329 9.49 -0.86 6.44
CA THR A 329 8.64 -0.42 5.34
C THR A 329 8.68 -1.43 4.20
N ALA A 330 7.64 -1.40 3.37
CA ALA A 330 7.56 -2.21 2.17
C ALA A 330 7.46 -1.31 0.95
N TRP A 331 8.19 -1.65 -0.10
CA TRP A 331 8.28 -0.84 -1.30
C TRP A 331 7.66 -1.57 -2.49
N ASP A 332 7.02 -0.80 -3.37
CA ASP A 332 6.51 -1.27 -4.65
C ASP A 332 7.17 -0.37 -5.70
N LEU A 333 8.37 -0.76 -6.14
CA LEU A 333 9.16 0.06 -7.05
C LEU A 333 8.50 0.20 -8.42
N GLY A 334 7.62 -0.73 -8.79
CA GLY A 334 7.04 -0.75 -10.11
C GLY A 334 7.80 -1.66 -11.06
N LYS A 335 7.14 -1.96 -12.18
CA LYS A 335 7.68 -2.87 -13.19
C LYS A 335 8.06 -4.22 -12.58
N GLY A 336 7.19 -4.75 -11.74
CA GLY A 336 7.43 -6.03 -11.11
C GLY A 336 8.60 -6.05 -10.14
N ASP A 337 8.77 -5.00 -9.34
CA ASP A 337 9.86 -4.88 -8.38
C ASP A 337 9.28 -4.73 -6.99
N PHE A 338 9.66 -5.63 -6.08
CA PHE A 338 9.17 -5.63 -4.72
C PHE A 338 10.34 -5.86 -3.77
N ARG A 339 10.47 -4.98 -2.78
CA ARG A 339 11.56 -5.05 -1.80
C ARG A 339 11.02 -4.70 -0.42
N ILE A 340 11.74 -5.15 0.60
CA ILE A 340 11.40 -4.85 2.00
C ILE A 340 12.65 -4.32 2.69
N LYS A 341 12.52 -3.18 3.35
CA LYS A 341 13.60 -2.57 4.10
C LYS A 341 13.23 -2.59 5.58
N MET A 342 14.07 -3.24 6.39
CA MET A 342 13.83 -3.35 7.82
C MET A 342 15.08 -3.88 8.50
N CYS A 343 15.42 -3.28 9.64
CA CYS A 343 16.44 -3.85 10.51
C CYS A 343 15.85 -5.04 11.26
N THR A 344 16.53 -6.17 11.22
CA THR A 344 16.02 -7.41 11.79
C THR A 344 16.87 -7.84 12.97
N LYS A 345 16.23 -7.99 14.12
CA LYS A 345 16.84 -8.57 15.32
C LYS A 345 16.12 -9.86 15.67
N VAL A 346 16.80 -10.72 16.41
CA VAL A 346 16.25 -12.04 16.77
C VAL A 346 15.33 -11.79 17.96
N THR A 347 14.07 -11.50 17.65
CA THR A 347 13.08 -11.15 18.66
C THR A 347 11.68 -11.30 18.07
N MET A 348 10.69 -11.33 18.96
CA MET A 348 9.33 -11.70 18.55
C MET A 348 8.63 -10.57 17.80
N ASP A 349 8.81 -9.33 18.25
CA ASP A 349 8.13 -8.22 17.59
C ASP A 349 8.59 -8.06 16.15
N ASN A 350 9.88 -8.31 15.89
CA ASN A 350 10.35 -8.38 14.52
C ASN A 350 9.70 -9.54 13.77
N PHE A 351 9.52 -10.68 14.46
CA PHE A 351 8.85 -11.83 13.86
C PHE A 351 7.43 -11.50 13.43
N LEU A 352 6.80 -10.52 14.09
CA LEU A 352 5.44 -10.11 13.71
C LEU A 352 5.45 -9.00 12.65
N THR A 353 6.35 -8.04 12.77
CA THR A 353 6.45 -6.96 11.79
C THR A 353 6.99 -7.44 10.45
N ALA A 354 7.58 -8.64 10.41
CA ALA A 354 7.89 -9.30 9.15
C ALA A 354 6.65 -9.83 8.45
N HIS A 355 5.74 -10.46 9.20
CA HIS A 355 4.47 -10.90 8.63
C HIS A 355 3.65 -9.71 8.15
N HIS A 356 3.64 -8.63 8.92
CA HIS A 356 2.93 -7.42 8.50
C HIS A 356 3.42 -6.92 7.14
N GLU A 357 4.75 -6.79 7.01
CA GLU A 357 5.32 -6.26 5.78
C GLU A 357 5.16 -7.22 4.61
N MET A 358 5.26 -8.52 4.86
CA MET A 358 5.04 -9.48 3.77
C MET A 358 3.58 -9.49 3.34
N GLY A 359 2.65 -9.26 4.27
CA GLY A 359 1.26 -9.08 3.86
C GLY A 359 1.07 -7.87 2.97
N HIS A 360 1.72 -6.75 3.33
CA HIS A 360 1.70 -5.58 2.44
C HIS A 360 2.26 -5.92 1.07
N ILE A 361 3.38 -6.64 1.02
CA ILE A 361 4.03 -6.95 -0.25
C ILE A 361 3.16 -7.86 -1.09
N GLN A 362 2.51 -8.85 -0.46
CA GLN A 362 1.61 -9.72 -1.21
C GLN A 362 0.42 -8.94 -1.76
N TYR A 363 -0.14 -8.03 -0.95
CA TYR A 363 -1.25 -7.22 -1.42
C TYR A 363 -0.85 -6.37 -2.62
N ASP A 364 0.37 -5.80 -2.57
CA ASP A 364 0.88 -5.05 -3.72
C ASP A 364 1.07 -5.97 -4.94
N MET A 365 1.60 -7.16 -4.71
CA MET A 365 1.85 -8.11 -5.80
C MET A 365 0.55 -8.54 -6.47
N ALA A 366 -0.55 -8.51 -5.74
CA ALA A 366 -1.80 -9.08 -6.24
C ALA A 366 -2.34 -8.31 -7.44
N TYR A 367 -2.40 -6.98 -7.34
CA TYR A 367 -3.09 -6.17 -8.34
C TYR A 367 -2.14 -5.57 -9.37
N ALA A 368 -1.06 -6.26 -9.70
CA ALA A 368 -0.12 -5.77 -10.69
C ALA A 368 -0.66 -5.83 -12.12
N THR A 369 -1.75 -6.55 -12.36
CA THR A 369 -2.32 -6.65 -13.70
C THR A 369 -3.26 -5.52 -14.05
N GLN A 370 -3.66 -4.70 -13.07
CA GLN A 370 -4.59 -3.62 -13.33
C GLN A 370 -3.88 -2.45 -14.02
N PRO A 371 -4.63 -1.56 -14.66
CA PRO A 371 -4.03 -0.34 -15.23
C PRO A 371 -3.28 0.46 -14.18
N PHE A 372 -2.51 1.44 -14.67
CA PHE A 372 -1.60 2.17 -13.78
C PHE A 372 -2.38 2.96 -12.74
N LEU A 373 -3.39 3.72 -13.15
CA LEU A 373 -4.19 4.46 -12.18
C LEU A 373 -5.31 3.61 -11.61
N LEU A 374 -4.97 2.38 -11.23
CA LEU A 374 -5.86 1.52 -10.47
C LEU A 374 -5.09 0.68 -9.45
N ARG A 375 -3.77 0.85 -9.36
CA ARG A 375 -2.91 0.02 -8.51
C ARG A 375 -2.75 0.71 -7.16
N ASN A 376 -3.72 0.49 -6.28
CA ASN A 376 -3.69 1.04 -4.93
C ASN A 376 -4.68 0.21 -4.11
N GLY A 377 -4.94 0.66 -2.88
CA GLY A 377 -5.95 0.01 -2.06
C GLY A 377 -7.36 0.30 -2.55
N ALA A 378 -8.34 0.23 -1.66
CA ALA A 378 -9.71 0.54 -2.03
C ALA A 378 -10.38 1.58 -1.14
N ASN A 379 -10.03 1.65 0.16
CA ASN A 379 -10.66 2.60 1.05
C ASN A 379 -9.64 3.21 2.01
N GLU A 380 -8.38 3.33 1.59
CA GLU A 380 -7.25 3.93 2.32
C GLU A 380 -7.04 3.26 3.68
N GLY A 381 -7.73 2.16 3.94
CA GLY A 381 -7.57 1.43 5.17
C GLY A 381 -7.37 -0.05 4.95
N PHE A 382 -7.43 -0.46 3.68
CA PHE A 382 -7.35 -1.88 3.34
C PHE A 382 -5.93 -2.41 3.48
N HIS A 383 -4.98 -1.53 3.24
CA HIS A 383 -3.60 -2.03 3.24
C HIS A 383 -3.28 -2.55 4.64
N GLU A 384 -3.22 -1.68 5.62
CA GLU A 384 -2.83 -2.11 6.96
C GLU A 384 -3.82 -3.11 7.56
N ALA A 385 -5.09 -3.04 7.16
CA ALA A 385 -6.05 -4.04 7.63
C ALA A 385 -5.68 -5.44 7.16
N VAL A 386 -5.29 -5.57 5.90
CA VAL A 386 -4.84 -6.87 5.39
C VAL A 386 -3.51 -7.25 6.03
N GLY A 387 -2.61 -6.28 6.22
CA GLY A 387 -1.31 -6.60 6.76
C GLY A 387 -1.27 -6.93 8.24
N GLU A 388 -2.27 -6.51 9.01
CA GLU A 388 -2.25 -6.69 10.46
C GLU A 388 -2.92 -7.98 10.90
N ILE A 389 -3.78 -8.58 10.08
CA ILE A 389 -4.40 -9.86 10.44
C ILE A 389 -3.40 -11.01 10.44
N MET A 390 -2.35 -10.92 9.61
CA MET A 390 -1.31 -11.95 9.65
C MET A 390 -0.57 -11.93 10.98
N SER A 391 -0.40 -10.76 11.57
CA SER A 391 0.23 -10.67 12.89
C SER A 391 -0.61 -11.38 13.94
N LEU A 392 -1.94 -11.19 13.89
CA LEU A 392 -2.82 -11.90 14.81
C LEU A 392 -2.75 -13.40 14.58
N SER A 393 -2.75 -13.83 13.31
CA SER A 393 -2.74 -15.26 13.01
C SER A 393 -1.45 -15.93 13.47
N ALA A 394 -0.31 -15.30 13.19
CA ALA A 394 0.99 -15.90 13.54
C ALA A 394 1.47 -15.45 14.92
N ALA A 395 0.60 -15.55 15.92
CA ALA A 395 0.99 -15.33 17.30
C ALA A 395 0.33 -16.30 18.26
N THR A 396 -0.49 -17.23 17.77
CA THR A 396 -1.15 -18.19 18.62
C THR A 396 -0.14 -19.22 19.14
N PRO A 397 -0.28 -19.65 20.40
CA PRO A 397 0.60 -20.72 20.90
C PRO A 397 0.57 -21.98 20.06
N GLU A 398 -0.58 -22.30 19.45
CA GLU A 398 -0.64 -23.46 18.56
C GLU A 398 0.29 -23.29 17.37
N HIS A 399 0.27 -22.09 16.76
CA HIS A 399 1.18 -21.82 15.65
C HIS A 399 2.63 -21.83 16.11
N LEU A 400 2.91 -21.30 17.30
CA LEU A 400 4.28 -21.29 17.80
C LEU A 400 4.81 -22.70 18.04
N LYS A 401 3.98 -23.58 18.61
CA LYS A 401 4.41 -24.95 18.85
C LYS A 401 4.30 -25.83 17.61
N SER A 402 3.66 -25.35 16.55
CA SER A 402 3.61 -26.06 15.28
C SER A 402 4.84 -25.82 14.42
N ILE A 403 5.72 -24.91 14.82
CA ILE A 403 6.93 -24.62 14.06
C ILE A 403 8.21 -24.92 14.83
N GLY A 404 8.12 -25.24 16.12
CA GLY A 404 9.29 -25.65 16.87
C GLY A 404 9.84 -24.60 17.83
N LEU A 405 8.95 -23.76 18.38
CA LEU A 405 9.36 -22.76 19.35
C LEU A 405 8.78 -23.00 20.74
N LEU A 406 7.81 -23.90 20.88
CA LEU A 406 7.27 -24.30 22.17
C LEU A 406 7.37 -25.81 22.31
N PRO A 407 7.49 -26.31 23.54
CA PRO A 407 7.50 -27.77 23.73
C PRO A 407 6.16 -28.38 23.33
N SER A 408 6.21 -29.61 22.84
CA SER A 408 5.00 -30.28 22.37
C SER A 408 4.03 -30.58 23.50
N ASP A 409 4.49 -30.60 24.75
CA ASP A 409 3.64 -30.88 25.90
C ASP A 409 3.14 -29.62 26.58
N PHE A 410 3.36 -28.45 25.99
CA PHE A 410 2.94 -27.19 26.61
C PHE A 410 1.42 -27.10 26.63
N GLN A 411 0.84 -26.98 27.82
CA GLN A 411 -0.60 -26.86 28.00
C GLN A 411 -0.93 -25.41 28.34
N GLU A 412 -1.79 -24.81 27.53
CA GLU A 412 -2.09 -23.38 27.67
C GLU A 412 -3.04 -23.15 28.83
N ASP A 413 -2.72 -22.18 29.67
CA ASP A 413 -3.49 -21.91 30.87
C ASP A 413 -4.60 -20.90 30.58
N ASN A 414 -5.33 -20.49 31.62
CA ASN A 414 -6.44 -19.57 31.48
C ASN A 414 -6.15 -18.17 32.00
N GLU A 415 -5.25 -18.02 32.98
CA GLU A 415 -4.92 -16.70 33.50
C GLU A 415 -4.17 -15.85 32.48
N THR A 416 -3.42 -16.49 31.59
CA THR A 416 -2.66 -15.74 30.58
C THR A 416 -3.58 -15.08 29.56
N GLU A 417 -4.70 -15.71 29.22
CA GLU A 417 -5.61 -15.15 28.23
C GLU A 417 -6.18 -13.82 28.68
N ILE A 418 -6.52 -13.69 29.97
CA ILE A 418 -7.02 -12.41 30.44
C ILE A 418 -5.97 -11.32 30.28
N ASN A 419 -4.72 -11.64 30.61
CA ASN A 419 -3.64 -10.66 30.47
C ASN A 419 -3.47 -10.26 29.00
N PHE A 420 -3.43 -11.23 28.10
CA PHE A 420 -3.25 -10.94 26.69
C PHE A 420 -4.41 -10.12 26.13
N LEU A 421 -5.64 -10.48 26.52
CA LEU A 421 -6.81 -9.74 26.04
C LEU A 421 -6.80 -8.31 26.55
N LEU A 422 -6.44 -8.10 27.82
CA LEU A 422 -6.38 -6.74 28.35
C LEU A 422 -5.28 -5.94 27.66
N LYS A 423 -4.13 -6.57 27.40
CA LYS A 423 -3.05 -5.87 26.70
C LYS A 423 -3.48 -5.47 25.30
N GLN A 424 -4.19 -6.35 24.59
CA GLN A 424 -4.68 -6.00 23.27
C GLN A 424 -5.74 -4.91 23.34
N ALA A 425 -6.62 -4.97 24.34
CA ALA A 425 -7.69 -3.99 24.47
C ALA A 425 -7.13 -2.60 24.73
N LEU A 426 -6.14 -2.49 25.63
CA LEU A 426 -5.59 -1.18 25.99
C LEU A 426 -5.07 -0.44 24.77
N THR A 427 -4.69 -1.16 23.72
CA THR A 427 -4.22 -0.56 22.47
C THR A 427 -5.33 -0.41 21.44
N ILE A 428 -6.27 -1.36 21.36
CA ILE A 428 -7.26 -1.36 20.29
C ILE A 428 -8.48 -0.51 20.66
N VAL A 429 -9.12 -0.81 21.79
CA VAL A 429 -10.38 -0.16 22.13
C VAL A 429 -10.16 1.14 22.89
N GLY A 430 -8.95 1.39 23.39
CA GLY A 430 -8.64 2.59 24.13
C GLY A 430 -8.23 3.77 23.28
N THR A 431 -8.31 3.66 21.95
CA THR A 431 -7.95 4.75 21.05
C THR A 431 -9.06 5.19 20.13
N LEU A 432 -10.13 4.40 19.99
CA LEU A 432 -11.23 4.78 19.11
C LEU A 432 -11.92 6.07 19.52
N PRO A 433 -12.30 6.29 20.79
CA PRO A 433 -12.92 7.57 21.14
C PRO A 433 -12.03 8.77 20.85
N PHE A 434 -10.73 8.65 21.06
CA PHE A 434 -9.81 9.75 20.75
C PHE A 434 -9.85 10.10 19.27
N THR A 435 -9.78 9.08 18.41
CA THR A 435 -9.83 9.30 16.97
C THR A 435 -11.16 9.91 16.54
N TYR A 436 -12.26 9.38 17.07
CA TYR A 436 -13.58 9.89 16.71
C TYR A 436 -13.73 11.34 17.13
N MET A 437 -13.30 11.67 18.35
CA MET A 437 -13.31 13.05 18.82
C MET A 437 -12.49 13.96 17.90
N LEU A 438 -11.24 13.58 17.63
CA LEU A 438 -10.36 14.46 16.86
C LEU A 438 -10.94 14.72 15.47
N GLU A 439 -11.43 13.65 14.82
CA GLU A 439 -11.95 13.83 13.47
C GLU A 439 -13.23 14.65 13.47
N LYS A 440 -14.14 14.41 14.43
CA LYS A 440 -15.37 15.20 14.48
C LYS A 440 -15.07 16.66 14.78
N TRP A 441 -14.14 16.92 15.69
CA TRP A 441 -13.76 18.29 15.99
C TRP A 441 -13.18 18.99 14.78
N ARG A 442 -12.29 18.31 14.05
CA ARG A 442 -11.72 18.93 12.85
C ARG A 442 -12.79 19.20 11.80
N TRP A 443 -13.70 18.24 11.60
CA TRP A 443 -14.77 18.43 10.62
C TRP A 443 -15.64 19.62 10.99
N MET A 444 -16.04 19.73 12.25
CA MET A 444 -16.98 20.76 12.65
C MET A 444 -16.30 22.12 12.81
N VAL A 445 -14.97 22.14 12.99
CA VAL A 445 -14.22 23.40 12.87
C VAL A 445 -14.17 23.85 11.41
N PHE A 446 -13.87 22.91 10.50
CA PHE A 446 -13.76 23.28 9.09
C PHE A 446 -15.09 23.74 8.52
N LYS A 447 -16.19 23.10 8.94
CA LYS A 447 -17.51 23.47 8.43
C LYS A 447 -17.87 24.89 8.82
N GLY A 448 -17.52 25.30 10.04
CA GLY A 448 -17.81 26.63 10.52
C GLY A 448 -18.77 26.70 11.69
N ASP A 449 -19.17 25.55 12.25
CA ASP A 449 -20.09 25.55 13.38
C ASP A 449 -19.43 26.02 14.67
N ILE A 450 -18.10 25.99 14.73
CA ILE A 450 -17.35 26.50 15.88
C ILE A 450 -16.75 27.85 15.48
N PRO A 451 -17.18 28.95 16.07
CA PRO A 451 -16.52 30.23 15.80
C PRO A 451 -15.15 30.32 16.45
N LYS A 452 -14.46 31.45 16.27
CA LYS A 452 -13.16 31.64 16.88
C LYS A 452 -13.26 31.72 18.40
N GLU A 453 -14.41 32.16 18.92
CA GLU A 453 -14.54 32.35 20.36
C GLU A 453 -14.73 31.01 21.08
N GLN A 454 -15.43 30.07 20.47
CA GLN A 454 -15.63 28.75 21.03
C GLN A 454 -14.59 27.74 20.55
N TRP A 455 -13.42 28.24 20.12
CA TRP A 455 -12.44 27.37 19.46
C TRP A 455 -11.85 26.35 20.43
N MET A 456 -11.53 26.78 21.65
CA MET A 456 -10.85 25.92 22.61
C MET A 456 -11.72 25.62 23.84
N GLU A 457 -12.99 25.99 23.79
CA GLU A 457 -13.93 25.64 24.86
C GLU A 457 -14.77 24.42 24.50
N LYS A 458 -15.13 24.26 23.23
CA LYS A 458 -15.84 23.06 22.81
C LYS A 458 -14.96 21.82 22.92
N TRP A 459 -13.66 21.96 22.69
CA TRP A 459 -12.76 20.81 22.72
C TRP A 459 -12.69 20.20 24.12
N TRP A 460 -12.45 21.03 25.13
CA TRP A 460 -12.29 20.59 26.50
C TRP A 460 -13.60 20.31 27.21
N GLU A 461 -14.70 20.25 26.47
CA GLU A 461 -15.96 19.70 26.97
C GLU A 461 -16.40 18.48 26.18
N MET A 462 -16.14 18.45 24.86
CA MET A 462 -16.35 17.24 24.09
C MET A 462 -15.45 16.12 24.57
N LYS A 463 -14.25 16.45 25.05
CA LYS A 463 -13.37 15.40 25.54
C LYS A 463 -13.94 14.72 26.78
N ARG A 464 -14.47 15.50 27.72
CA ARG A 464 -15.04 14.88 28.91
C ARG A 464 -16.40 14.26 28.63
N GLU A 465 -17.09 14.71 27.58
CA GLU A 465 -18.38 14.12 27.27
C GLU A 465 -18.24 12.81 26.49
N ILE A 466 -17.16 12.66 25.72
CA ILE A 466 -16.98 11.44 24.92
C ILE A 466 -15.92 10.54 25.55
N VAL A 467 -14.67 11.01 25.58
CA VAL A 467 -13.57 10.18 26.02
C VAL A 467 -13.63 9.95 27.53
N GLY A 468 -13.86 11.00 28.30
CA GLY A 468 -13.87 10.90 29.75
C GLY A 468 -12.57 11.37 30.36
N VAL A 469 -12.01 12.45 29.81
CA VAL A 469 -10.73 13.00 30.25
C VAL A 469 -10.91 14.48 30.53
N VAL A 470 -10.42 14.93 31.68
CA VAL A 470 -10.52 16.32 32.09
C VAL A 470 -9.11 16.89 32.25
N GLU A 471 -8.99 18.20 31.99
CA GLU A 471 -7.73 18.93 32.09
C GLU A 471 -7.38 19.20 33.55
N PRO A 472 -6.08 19.27 33.87
CA PRO A 472 -5.69 19.55 35.26
C PRO A 472 -5.62 21.04 35.57
N LEU A 473 -5.45 21.86 34.54
CA LEU A 473 -5.37 23.31 34.69
C LEU A 473 -6.27 23.97 33.66
N PRO A 474 -6.89 25.10 33.99
CA PRO A 474 -7.77 25.76 33.02
C PRO A 474 -6.98 26.29 31.83
N HIS A 475 -7.64 26.27 30.66
CA HIS A 475 -7.03 26.69 29.42
C HIS A 475 -7.91 27.75 28.78
N ASP A 476 -7.32 28.91 28.48
CA ASP A 476 -8.03 30.02 27.86
C ASP A 476 -7.94 29.91 26.34
N GLU A 477 -8.36 30.97 25.65
CA GLU A 477 -8.39 30.97 24.19
C GLU A 477 -7.09 31.48 23.56
N THR A 478 -5.96 31.33 24.26
CA THR A 478 -4.67 31.63 23.70
C THR A 478 -3.87 30.37 23.39
N TYR A 479 -4.26 29.23 23.95
CA TYR A 479 -3.65 27.94 23.66
C TYR A 479 -4.25 27.34 22.40
N CYS A 480 -3.54 26.34 21.86
CA CYS A 480 -4.07 25.52 20.76
C CYS A 480 -3.67 24.08 21.07
N ASP A 481 -4.52 23.38 21.82
CA ASP A 481 -4.22 22.00 22.23
C ASP A 481 -4.14 21.03 21.06
N PRO A 482 -5.10 21.00 20.11
CA PRO A 482 -4.97 20.02 19.01
C PRO A 482 -3.72 20.20 18.17
N ALA A 483 -3.19 21.42 18.07
CA ALA A 483 -2.00 21.66 17.26
C ALA A 483 -0.77 20.95 17.81
N ALA A 484 -0.79 20.56 19.07
CA ALA A 484 0.35 19.84 19.66
C ALA A 484 0.26 18.35 19.34
N LEU A 485 0.11 18.03 18.07
CA LEU A 485 0.06 16.65 17.61
C LEU A 485 0.56 16.58 16.17
N PHE A 486 1.25 15.49 15.83
CA PHE A 486 1.89 15.40 14.53
C PHE A 486 0.87 15.40 13.40
N HIS A 487 -0.23 14.65 13.56
CA HIS A 487 -1.18 14.50 12.48
C HIS A 487 -2.03 15.74 12.25
N VAL A 488 -2.12 16.63 13.25
CA VAL A 488 -2.95 17.82 13.09
C VAL A 488 -2.18 18.93 12.39
N SER A 489 -0.90 19.11 12.74
CA SER A 489 -0.09 20.19 12.19
C SER A 489 0.68 19.77 10.95
N ASN A 490 0.45 18.58 10.40
CA ASN A 490 1.16 18.12 9.22
C ASN A 490 0.21 17.63 8.14
N ASP A 491 -1.08 17.96 8.24
CA ASP A 491 -2.08 17.70 7.20
C ASP A 491 -2.18 16.19 6.89
N TYR A 492 -2.59 15.46 7.92
CA TYR A 492 -2.82 14.03 7.79
C TYR A 492 -4.24 13.70 8.25
N SER A 493 -4.93 12.88 7.49
CA SER A 493 -6.29 12.48 7.84
C SER A 493 -6.26 11.58 9.08
N PHE A 494 -7.40 11.52 9.77
CA PHE A 494 -7.46 10.85 11.06
C PHE A 494 -8.71 9.97 11.17
N ILE A 495 -9.11 9.32 10.09
CA ILE A 495 -10.19 8.34 10.11
C ILE A 495 -9.72 6.96 9.70
N ARG A 496 -8.51 6.85 9.14
CA ARG A 496 -7.97 5.55 8.73
C ARG A 496 -7.88 4.59 9.89
N TYR A 497 -7.45 5.07 11.07
CA TYR A 497 -7.22 4.18 12.19
C TYR A 497 -8.51 3.68 12.81
N TYR A 498 -9.62 4.37 12.58
CA TYR A 498 -10.95 3.89 12.98
C TYR A 498 -11.49 2.89 11.97
N THR A 499 -11.42 3.24 10.68
CA THR A 499 -11.96 2.38 9.64
C THR A 499 -11.20 1.06 9.56
N ARG A 500 -9.88 1.09 9.71
CA ARG A 500 -9.07 -0.12 9.74
C ARG A 500 -9.44 -1.01 10.91
N THR A 501 -9.58 -0.43 12.09
CA THR A 501 -9.97 -1.22 13.26
C THR A 501 -11.32 -1.87 13.05
N ILE A 502 -12.23 -1.19 12.35
CA ILE A 502 -13.52 -1.78 12.05
C ILE A 502 -13.37 -2.96 11.08
N TYR A 503 -12.60 -2.79 10.01
CA TYR A 503 -12.53 -3.84 8.99
C TYR A 503 -11.75 -5.06 9.47
N GLN A 504 -10.76 -4.86 10.35
CA GLN A 504 -9.83 -5.95 10.67
C GLN A 504 -10.55 -7.16 11.23
N PHE A 505 -11.42 -6.95 12.21
CA PHE A 505 -12.08 -8.07 12.86
C PHE A 505 -13.14 -8.71 11.99
N GLN A 506 -13.78 -7.94 11.11
CA GLN A 506 -14.68 -8.53 10.12
C GLN A 506 -13.92 -9.49 9.21
N PHE A 507 -12.76 -9.04 8.71
CA PHE A 507 -11.94 -9.90 7.85
C PHE A 507 -11.49 -11.15 8.60
N GLN A 508 -11.05 -10.98 9.84
CA GLN A 508 -10.58 -12.12 10.62
C GLN A 508 -11.69 -13.12 10.87
N GLU A 509 -12.89 -12.64 11.21
CA GLU A 509 -14.00 -13.56 11.45
C GLU A 509 -14.40 -14.29 10.19
N ALA A 510 -14.43 -13.59 9.04
CA ALA A 510 -14.77 -14.26 7.80
C ALA A 510 -13.76 -15.33 7.44
N LEU A 511 -12.46 -15.01 7.57
CA LEU A 511 -11.42 -15.99 7.25
C LEU A 511 -11.46 -17.18 8.20
N CYS A 512 -11.71 -16.94 9.49
CA CYS A 512 -11.79 -18.04 10.45
C CYS A 512 -13.01 -18.92 10.23
N GLN A 513 -14.15 -18.31 9.89
CA GLN A 513 -15.33 -19.11 9.55
C GLN A 513 -15.09 -19.94 8.31
N ALA A 514 -14.40 -19.39 7.31
CA ALA A 514 -14.10 -20.17 6.11
C ALA A 514 -13.23 -21.38 6.43
N ALA A 515 -12.37 -21.26 7.43
CA ALA A 515 -11.43 -22.32 7.78
C ALA A 515 -12.02 -23.37 8.71
N LYS A 516 -13.29 -23.23 9.10
CA LYS A 516 -13.96 -24.20 9.97
C LYS A 516 -13.21 -24.37 11.30
N HIS A 517 -13.11 -23.26 12.03
CA HIS A 517 -12.41 -23.23 13.30
C HIS A 517 -13.40 -23.15 14.45
N ASP A 518 -13.21 -24.01 15.45
CA ASP A 518 -14.07 -24.05 16.63
C ASP A 518 -13.35 -23.44 17.83
N GLY A 519 -14.12 -22.86 18.74
CA GLY A 519 -13.56 -22.25 19.91
C GLY A 519 -13.65 -20.73 19.88
N PRO A 520 -12.88 -20.07 20.73
CA PRO A 520 -12.86 -18.60 20.73
C PRO A 520 -12.22 -18.06 19.47
N LEU A 521 -12.58 -16.81 19.16
CA LEU A 521 -12.07 -16.16 17.95
C LEU A 521 -10.63 -15.71 18.09
N HIS A 522 -10.13 -15.57 19.31
CA HIS A 522 -8.78 -15.05 19.57
C HIS A 522 -7.72 -16.15 19.58
N LYS A 523 -8.11 -17.39 19.30
CA LYS A 523 -7.17 -18.50 19.14
C LYS A 523 -7.32 -19.12 17.77
N CYS A 524 -7.41 -18.28 16.74
CA CYS A 524 -7.66 -18.74 15.38
C CYS A 524 -6.39 -18.66 14.54
N ASP A 525 -6.13 -19.72 13.79
CA ASP A 525 -4.96 -19.80 12.91
C ASP A 525 -5.44 -20.27 11.55
N ILE A 526 -5.06 -19.55 10.50
CA ILE A 526 -5.60 -19.79 9.16
C ILE A 526 -4.59 -20.56 8.31
N SER A 527 -3.62 -21.22 8.95
CA SER A 527 -2.67 -22.03 8.23
C SER A 527 -3.34 -23.30 7.70
N ASN A 528 -2.81 -23.81 6.59
CA ASN A 528 -3.33 -25.02 5.94
C ASN A 528 -4.82 -24.89 5.62
N SER A 529 -5.21 -23.73 5.11
CA SER A 529 -6.61 -23.46 4.73
C SER A 529 -6.58 -22.80 3.37
N THR A 530 -6.86 -23.57 2.32
CA THR A 530 -6.82 -23.05 0.96
C THR A 530 -8.03 -22.19 0.63
N GLU A 531 -9.20 -22.49 1.21
CA GLU A 531 -10.40 -21.71 0.92
C GLU A 531 -10.28 -20.28 1.45
N ALA A 532 -9.72 -20.11 2.65
CA ALA A 532 -9.53 -18.76 3.19
C ALA A 532 -8.59 -17.95 2.31
N GLY A 533 -7.49 -18.55 1.88
CA GLY A 533 -6.57 -17.86 0.98
C GLY A 533 -7.21 -17.53 -0.35
N GLN A 534 -8.03 -18.44 -0.87
CA GLN A 534 -8.72 -18.19 -2.13
C GLN A 534 -9.69 -17.01 -2.00
N LYS A 535 -10.45 -16.96 -0.90
CA LYS A 535 -11.36 -15.83 -0.69
C LYS A 535 -10.59 -14.53 -0.54
N LEU A 536 -9.49 -14.56 0.22
CA LEU A 536 -8.69 -13.34 0.41
C LEU A 536 -8.11 -12.86 -0.92
N LEU A 537 -7.62 -13.78 -1.74
CA LEU A 537 -7.05 -13.41 -3.03
C LEU A 537 -8.12 -12.91 -3.99
N ASN A 538 -9.33 -13.49 -3.92
CA ASN A 538 -10.43 -12.98 -4.72
C ASN A 538 -10.77 -11.54 -4.32
N MET A 539 -10.72 -11.24 -3.02
CA MET A 539 -10.86 -9.87 -2.57
C MET A 539 -9.76 -8.99 -3.15
N LEU A 540 -8.51 -9.27 -2.77
CA LEU A 540 -7.37 -8.46 -3.18
C LEU A 540 -6.88 -8.90 -4.56
N ARG A 541 -7.71 -8.60 -5.56
CA ARG A 541 -7.31 -8.77 -6.95
C ARG A 541 -7.79 -7.60 -7.81
N LEU A 542 -8.58 -6.69 -7.26
CA LEU A 542 -9.21 -5.61 -8.01
C LEU A 542 -8.50 -4.27 -7.86
N GLY A 543 -8.30 -3.81 -6.64
CA GLY A 543 -7.73 -2.49 -6.40
C GLY A 543 -8.82 -1.42 -6.38
N LYS A 544 -8.72 -0.46 -7.29
CA LYS A 544 -9.73 0.58 -7.44
C LYS A 544 -10.62 0.37 -8.66
N SER A 545 -10.54 -0.80 -9.29
CA SER A 545 -11.34 -1.07 -10.47
C SER A 545 -12.83 -1.09 -10.12
N GLU A 546 -13.18 -1.68 -8.99
CA GLU A 546 -14.55 -1.75 -8.52
C GLU A 546 -14.71 -0.99 -7.21
N PRO A 547 -15.93 -0.54 -6.88
CA PRO A 547 -16.14 0.12 -5.59
C PRO A 547 -15.81 -0.81 -4.44
N TRP A 548 -15.34 -0.21 -3.34
CA TRP A 548 -14.89 -0.99 -2.19
C TRP A 548 -16.03 -1.75 -1.53
N THR A 549 -17.28 -1.45 -1.86
CA THR A 549 -18.39 -2.26 -1.37
C THR A 549 -18.29 -3.69 -1.90
N LEU A 550 -17.97 -3.84 -3.18
CA LEU A 550 -17.74 -5.17 -3.75
C LEU A 550 -16.55 -5.86 -3.10
N ALA A 551 -15.48 -5.10 -2.82
CA ALA A 551 -14.32 -5.68 -2.17
C ALA A 551 -14.68 -6.22 -0.79
N LEU A 552 -15.45 -5.44 -0.02
CA LEU A 552 -15.88 -5.90 1.30
C LEU A 552 -16.79 -7.12 1.18
N GLU A 553 -17.74 -7.09 0.24
CA GLU A 553 -18.68 -8.19 0.08
C GLU A 553 -18.01 -9.48 -0.37
N ASN A 554 -16.90 -9.38 -1.11
CA ASN A 554 -16.22 -10.58 -1.58
C ASN A 554 -15.70 -11.42 -0.42
N VAL A 555 -15.48 -10.83 0.75
CA VAL A 555 -14.99 -11.56 1.91
C VAL A 555 -16.10 -11.72 2.95
N VAL A 556 -16.64 -10.60 3.45
CA VAL A 556 -17.53 -10.67 4.59
C VAL A 556 -19.00 -10.79 4.20
N GLY A 557 -19.34 -10.52 2.93
CA GLY A 557 -20.73 -10.57 2.53
C GLY A 557 -21.60 -9.45 3.05
N ALA A 558 -20.99 -8.36 3.52
CA ALA A 558 -21.72 -7.23 4.07
C ALA A 558 -21.48 -6.00 3.21
N ARG A 559 -22.47 -5.10 3.21
CA ARG A 559 -22.44 -3.91 2.35
C ARG A 559 -21.83 -2.70 3.05
N ASN A 560 -21.56 -2.76 4.34
CA ASN A 560 -21.07 -1.61 5.08
C ASN A 560 -20.27 -2.09 6.29
N MET A 561 -19.89 -1.15 7.14
CA MET A 561 -19.09 -1.47 8.31
C MET A 561 -19.92 -2.23 9.34
N ASP A 562 -19.25 -3.10 10.09
CA ASP A 562 -19.87 -3.86 11.16
C ASP A 562 -18.91 -3.96 12.33
N VAL A 563 -19.46 -3.95 13.54
CA VAL A 563 -18.66 -3.98 14.76
C VAL A 563 -18.92 -5.21 15.62
N ARG A 564 -19.91 -6.04 15.27
CA ARG A 564 -20.15 -7.26 16.03
C ARG A 564 -18.92 -8.16 16.14
N PRO A 565 -18.11 -8.37 15.09
CA PRO A 565 -16.87 -9.15 15.29
C PRO A 565 -15.95 -8.58 16.35
N LEU A 566 -15.86 -7.25 16.44
CA LEU A 566 -15.00 -6.63 17.44
C LEU A 566 -15.47 -6.96 18.86
N LEU A 567 -16.78 -6.92 19.09
CA LEU A 567 -17.30 -7.28 20.41
C LEU A 567 -17.15 -8.77 20.65
N ASN A 568 -17.28 -9.59 19.60
CA ASN A 568 -17.12 -11.04 19.75
C ASN A 568 -15.69 -11.39 20.13
N TYR A 569 -14.72 -10.63 19.64
CA TYR A 569 -13.32 -10.88 19.98
C TYR A 569 -13.06 -10.66 21.45
N PHE A 570 -13.79 -9.74 22.10
CA PHE A 570 -13.54 -9.34 23.48
C PHE A 570 -14.66 -9.77 24.42
N GLU A 571 -15.21 -10.97 24.22
CA GLU A 571 -16.29 -11.46 25.08
C GLU A 571 -15.78 -11.92 26.45
N PRO A 572 -14.78 -12.82 26.53
CA PRO A 572 -14.31 -13.23 27.85
C PRO A 572 -13.78 -12.07 28.69
N LEU A 573 -13.09 -11.13 28.05
CA LEU A 573 -12.60 -9.96 28.78
C LEU A 573 -13.76 -9.12 29.30
N SER A 574 -14.81 -8.97 28.49
CA SER A 574 -15.98 -8.23 28.95
C SER A 574 -16.65 -8.90 30.14
N VAL A 575 -16.77 -10.23 30.09
CA VAL A 575 -17.38 -10.97 31.19
C VAL A 575 -16.54 -10.82 32.46
N TRP A 576 -15.21 -10.94 32.33
CA TRP A 576 -14.35 -10.80 33.49
C TRP A 576 -14.43 -9.39 34.06
N LEU A 577 -14.48 -8.37 33.20
CA LEU A 577 -14.57 -7.00 33.67
C LEU A 577 -15.90 -6.75 34.39
N LYS A 578 -16.99 -7.30 33.85
CA LYS A 578 -18.29 -7.17 34.52
C LYS A 578 -18.27 -7.85 35.88
N GLU A 579 -17.61 -9.02 35.97
CA GLU A 579 -17.51 -9.70 37.25
C GLU A 579 -16.66 -8.92 38.24
N GLN A 580 -15.62 -8.24 37.76
CA GLN A 580 -14.77 -7.45 38.63
C GLN A 580 -15.41 -6.14 39.08
N ASN A 581 -16.27 -5.55 38.25
CA ASN A 581 -16.90 -4.27 38.59
C ASN A 581 -18.26 -4.45 39.23
N LYS A 582 -18.30 -5.17 40.37
CA LYS A 582 -19.55 -5.33 41.10
C LYS A 582 -19.80 -4.21 42.09
N ASN A 583 -18.75 -3.72 42.75
CA ASN A 583 -18.85 -2.70 43.79
C ASN A 583 -18.14 -1.43 43.34
N SER A 584 -18.31 -1.07 42.07
CA SER A 584 -17.68 0.13 41.53
C SER A 584 -18.65 0.83 40.59
N PHE A 585 -18.44 2.12 40.41
CA PHE A 585 -19.26 2.91 39.49
C PHE A 585 -18.74 2.77 38.07
N VAL A 586 -19.66 2.55 37.13
CA VAL A 586 -19.31 2.22 35.75
C VAL A 586 -19.05 3.49 34.96
N GLY A 587 -19.96 4.45 35.03
CA GLY A 587 -19.86 5.65 34.21
C GLY A 587 -19.05 6.76 34.84
N TRP A 588 -19.25 7.99 34.36
CA TRP A 588 -18.53 9.14 34.88
C TRP A 588 -19.39 10.38 34.69
N ASN A 589 -19.08 11.41 35.49
CA ASN A 589 -19.75 12.70 35.40
C ASN A 589 -18.77 13.75 34.88
N THR A 590 -19.33 14.81 34.31
CA THR A 590 -18.53 15.85 33.65
C THR A 590 -18.54 17.18 34.42
N ASP A 591 -18.83 17.13 35.72
CA ASP A 591 -18.86 18.33 36.55
C ASP A 591 -17.78 18.26 37.63
N TRP A 592 -16.64 17.64 37.31
CA TRP A 592 -15.53 17.52 38.23
C TRP A 592 -14.25 17.93 37.53
N SER A 593 -13.38 18.64 38.25
CA SER A 593 -12.11 19.12 37.70
C SER A 593 -11.13 19.28 38.85
N PRO A 594 -9.88 18.83 38.68
CA PRO A 594 -8.94 18.90 39.80
C PRO A 594 -8.25 20.27 39.92
N TYR A 595 -9.03 21.34 39.79
CA TYR A 595 -8.53 22.67 40.13
C TYR A 595 -9.57 23.55 40.81
N ALA A 596 -10.83 23.16 40.85
CA ALA A 596 -11.86 23.97 41.50
C ALA A 596 -11.91 23.67 43.01
N THR B 1 27.82 -32.46 -44.14
CA THR B 1 28.27 -32.12 -45.49
C THR B 1 28.32 -30.61 -45.67
N ASN B 2 27.18 -29.95 -45.44
CA ASN B 2 27.08 -28.50 -45.55
C ASN B 2 26.76 -27.81 -44.23
N LEU B 3 26.34 -28.55 -43.21
CA LEU B 3 25.75 -27.98 -42.00
C LEU B 3 24.61 -27.07 -42.45
N CYS B 4 24.26 -26.05 -41.67
CA CYS B 4 23.30 -25.08 -42.17
C CYS B 4 23.34 -23.87 -41.24
N PRO B 5 23.40 -22.64 -41.79
CA PRO B 5 23.60 -21.45 -40.93
C PRO B 5 22.43 -21.10 -40.02
N PHE B 6 22.28 -21.90 -38.96
CA PHE B 6 21.43 -21.55 -37.84
C PHE B 6 22.19 -20.79 -36.75
N GLY B 7 23.52 -20.72 -36.85
CA GLY B 7 24.32 -19.94 -35.93
C GLY B 7 24.38 -18.45 -36.23
N GLU B 8 23.95 -18.05 -37.42
CA GLU B 8 23.86 -16.64 -37.77
C GLU B 8 22.49 -16.05 -37.44
N VAL B 9 21.58 -16.84 -36.92
CA VAL B 9 20.25 -16.37 -36.55
C VAL B 9 20.10 -16.40 -35.03
N PHE B 10 20.34 -17.57 -34.43
CA PHE B 10 20.17 -17.71 -32.99
C PHE B 10 21.33 -17.08 -32.21
N ASN B 11 22.53 -17.10 -32.78
CA ASN B 11 23.72 -16.60 -32.11
C ASN B 11 24.17 -15.24 -32.63
N ALA B 12 23.27 -14.52 -33.31
CA ALA B 12 23.62 -13.20 -33.82
C ALA B 12 23.78 -12.21 -32.67
N THR B 13 24.65 -11.22 -32.88
CA THR B 13 24.95 -10.26 -31.83
C THR B 13 23.83 -9.23 -31.65
N ARG B 14 23.26 -8.73 -32.76
CA ARG B 14 22.26 -7.68 -32.71
C ARG B 14 20.96 -8.19 -33.34
N PHE B 15 19.86 -8.03 -32.62
CA PHE B 15 18.54 -8.37 -33.13
C PHE B 15 17.80 -7.10 -33.57
N ALA B 16 16.68 -7.31 -34.25
CA ALA B 16 15.89 -6.23 -34.80
C ALA B 16 14.69 -5.92 -33.91
N SER B 17 14.05 -4.79 -34.18
CA SER B 17 12.87 -4.34 -33.47
C SER B 17 11.63 -5.08 -33.96
N VAL B 18 10.54 -4.95 -33.19
CA VAL B 18 9.32 -5.69 -33.51
C VAL B 18 8.69 -5.17 -34.79
N TYR B 19 8.75 -3.86 -35.04
CA TYR B 19 8.14 -3.33 -36.25
C TYR B 19 9.06 -3.42 -37.46
N ALA B 20 10.30 -3.87 -37.28
CA ALA B 20 11.25 -4.03 -38.37
C ALA B 20 12.00 -5.35 -38.24
N TRP B 21 11.29 -6.41 -37.83
CA TRP B 21 11.88 -7.72 -37.73
C TRP B 21 12.47 -8.19 -39.06
N ASN B 22 13.64 -8.80 -38.99
CA ASN B 22 14.33 -9.29 -40.17
C ASN B 22 13.68 -10.58 -40.69
N ARG B 23 14.01 -10.92 -41.93
CA ARG B 23 13.55 -12.15 -42.56
C ARG B 23 14.71 -12.76 -43.33
N LYS B 24 14.85 -14.08 -43.20
CA LYS B 24 15.96 -14.79 -43.84
C LYS B 24 15.44 -16.06 -44.47
N ARG B 25 15.95 -16.38 -45.66
CA ARG B 25 15.59 -17.59 -46.39
C ARG B 25 16.61 -18.67 -46.13
N ILE B 26 16.13 -19.92 -46.05
CA ILE B 26 17.00 -21.09 -45.96
C ILE B 26 17.12 -21.69 -47.35
N SER B 27 18.36 -21.75 -47.86
CA SER B 27 18.66 -22.26 -49.19
C SER B 27 18.67 -23.78 -49.21
N ASN B 28 19.26 -24.37 -50.24
CA ASN B 28 19.33 -25.82 -50.34
C ASN B 28 20.28 -26.30 -49.25
N CYS B 29 19.78 -26.40 -48.03
CA CYS B 29 20.62 -26.35 -46.84
C CYS B 29 20.23 -27.47 -45.89
N VAL B 30 21.07 -28.49 -45.78
CA VAL B 30 20.76 -29.66 -44.96
C VAL B 30 20.74 -29.24 -43.49
N ALA B 31 19.57 -29.33 -42.87
CA ALA B 31 19.34 -28.79 -41.54
C ALA B 31 18.93 -29.90 -40.57
N ASP B 32 19.33 -29.72 -39.31
CA ASP B 32 18.94 -30.62 -38.23
C ASP B 32 18.28 -29.83 -37.11
N TYR B 33 17.23 -30.42 -36.54
CA TYR B 33 16.44 -29.75 -35.52
C TYR B 33 16.50 -30.42 -34.15
N SER B 34 16.87 -31.70 -34.07
CA SER B 34 17.01 -32.36 -32.78
C SER B 34 18.11 -31.72 -31.95
N VAL B 35 19.14 -31.18 -32.61
CA VAL B 35 20.19 -30.45 -31.89
C VAL B 35 19.61 -29.20 -31.24
N LEU B 36 18.65 -28.56 -31.91
CA LEU B 36 17.97 -27.41 -31.31
C LEU B 36 17.06 -27.84 -30.17
N TYR B 37 16.39 -28.98 -30.31
CA TYR B 37 15.51 -29.44 -29.24
C TYR B 37 16.29 -29.80 -27.98
N ASN B 38 17.35 -30.59 -28.13
CA ASN B 38 18.07 -31.10 -26.96
C ASN B 38 19.10 -30.10 -26.44
N SER B 39 18.66 -28.86 -26.25
CA SER B 39 19.49 -27.78 -25.72
C SER B 39 18.68 -27.08 -24.63
N ALA B 40 19.09 -27.24 -23.37
CA ALA B 40 18.38 -26.67 -22.23
C ALA B 40 18.70 -25.18 -22.15
N SER B 41 18.20 -24.43 -23.14
CA SER B 41 18.39 -22.99 -23.18
C SER B 41 17.14 -22.20 -23.52
N PHE B 42 16.06 -22.84 -23.98
CA PHE B 42 14.86 -22.15 -24.41
C PHE B 42 13.76 -22.34 -23.37
N SER B 43 13.06 -21.25 -23.06
CA SER B 43 11.93 -21.29 -22.13
C SER B 43 10.60 -21.56 -22.82
N THR B 44 10.59 -21.66 -24.15
CA THR B 44 9.34 -21.92 -24.87
C THR B 44 9.69 -22.54 -26.22
N PHE B 45 9.36 -23.82 -26.40
CA PHE B 45 9.53 -24.51 -27.67
C PHE B 45 8.28 -25.37 -27.90
N LYS B 46 7.28 -24.78 -28.55
CA LYS B 46 6.04 -25.47 -28.88
C LYS B 46 5.81 -25.35 -30.37
N CYS B 47 5.46 -26.46 -31.02
CA CYS B 47 5.33 -26.49 -32.47
C CYS B 47 3.91 -26.83 -32.90
N TYR B 48 3.38 -26.01 -33.81
CA TYR B 48 2.03 -26.16 -34.32
C TYR B 48 2.08 -26.89 -35.66
N GLY B 49 1.23 -27.91 -35.81
CA GLY B 49 1.14 -28.61 -37.08
C GLY B 49 2.07 -29.80 -37.19
N VAL B 50 3.35 -29.57 -36.97
CA VAL B 50 4.35 -30.61 -37.07
C VAL B 50 4.80 -31.01 -35.67
N SER B 51 5.29 -32.25 -35.55
CA SER B 51 5.81 -32.67 -34.25
C SER B 51 7.32 -32.66 -34.26
N PRO B 52 7.93 -32.07 -33.22
CA PRO B 52 9.40 -31.88 -33.25
C PRO B 52 10.19 -33.17 -33.25
N THR B 53 9.66 -34.22 -32.62
CA THR B 53 10.37 -35.50 -32.58
C THR B 53 10.50 -36.11 -33.97
N LYS B 54 9.40 -36.17 -34.72
CA LYS B 54 9.43 -36.67 -36.09
C LYS B 54 9.56 -35.52 -37.08
N LEU B 55 10.62 -34.72 -36.87
CA LEU B 55 10.89 -33.55 -37.70
C LEU B 55 12.27 -33.68 -38.34
N ASN B 56 12.66 -34.90 -38.70
CA ASN B 56 13.90 -35.13 -39.45
C ASN B 56 13.65 -36.04 -40.64
N ASP B 57 12.41 -36.12 -41.10
CA ASP B 57 12.06 -36.93 -42.25
C ASP B 57 11.35 -36.09 -43.30
N LEU B 58 10.59 -35.10 -42.86
CA LEU B 58 9.89 -34.23 -43.80
C LEU B 58 10.86 -33.36 -44.57
N CYS B 59 10.51 -33.08 -45.82
CA CYS B 59 11.33 -32.27 -46.71
C CYS B 59 10.54 -31.03 -47.13
N PHE B 60 11.23 -29.88 -47.18
CA PHE B 60 10.59 -28.62 -47.49
C PHE B 60 11.40 -27.87 -48.53
N THR B 61 10.73 -26.97 -49.25
CA THR B 61 11.39 -26.18 -50.28
C THR B 61 12.14 -25.00 -49.68
N ASN B 62 11.44 -24.15 -48.94
CA ASN B 62 12.04 -22.98 -48.31
C ASN B 62 11.63 -22.91 -46.85
N VAL B 63 12.56 -22.49 -46.00
CA VAL B 63 12.33 -22.31 -44.57
C VAL B 63 12.63 -20.86 -44.24
N TYR B 64 11.72 -20.22 -43.51
CA TYR B 64 11.80 -18.80 -43.20
C TYR B 64 12.10 -18.61 -41.72
N ALA B 65 13.03 -17.71 -41.41
CA ALA B 65 13.41 -17.39 -40.05
C ALA B 65 13.15 -15.91 -39.79
N ASP B 66 12.41 -15.62 -38.72
CA ASP B 66 12.09 -14.25 -38.34
C ASP B 66 12.52 -14.01 -36.90
N SER B 67 13.10 -12.86 -36.63
CA SER B 67 13.67 -12.57 -35.32
C SER B 67 13.30 -11.17 -34.88
N PHE B 68 13.03 -11.03 -33.58
CA PHE B 68 12.76 -9.74 -32.94
C PHE B 68 12.86 -9.94 -31.42
N VAL B 69 12.79 -8.84 -30.69
CA VAL B 69 12.90 -8.85 -29.23
C VAL B 69 11.65 -8.18 -28.65
N ILE B 70 10.98 -8.87 -27.74
CA ILE B 70 9.77 -8.39 -27.09
C ILE B 70 9.93 -8.54 -25.58
N ARG B 71 8.88 -8.18 -24.85
CA ARG B 71 8.87 -8.27 -23.40
C ARG B 71 8.57 -9.71 -22.96
N GLY B 72 8.73 -9.94 -21.66
CA GLY B 72 8.48 -11.27 -21.12
C GLY B 72 7.02 -11.68 -21.22
N ASP B 73 6.10 -10.78 -20.85
CA ASP B 73 4.67 -11.07 -20.92
C ASP B 73 4.09 -10.68 -22.28
N GLU B 74 4.75 -11.10 -23.34
CA GLU B 74 4.23 -10.94 -24.69
C GLU B 74 4.51 -12.15 -25.58
N VAL B 75 5.13 -13.20 -25.06
CA VAL B 75 5.41 -14.38 -25.86
C VAL B 75 4.12 -15.10 -26.23
N ARG B 76 3.13 -15.08 -25.34
CA ARG B 76 1.85 -15.72 -25.62
C ARG B 76 1.09 -15.07 -26.77
N GLN B 77 1.45 -13.86 -27.15
CA GLN B 77 0.82 -13.20 -28.28
C GLN B 77 1.37 -13.68 -29.62
N ILE B 78 2.52 -14.35 -29.62
CA ILE B 78 3.07 -14.93 -30.87
C ILE B 78 2.47 -16.33 -30.97
N ALA B 79 1.25 -16.39 -31.49
CA ALA B 79 0.50 -17.63 -31.64
C ALA B 79 -0.73 -17.39 -32.50
N PRO B 80 -1.18 -18.37 -33.26
CA PRO B 80 -2.39 -18.17 -34.08
C PRO B 80 -3.61 -17.91 -33.21
N GLY B 81 -4.50 -17.05 -33.71
CA GLY B 81 -5.72 -16.72 -33.01
C GLY B 81 -5.49 -15.99 -31.70
N GLN B 82 -4.61 -14.99 -31.70
CA GLN B 82 -4.29 -14.22 -30.51
C GLN B 82 -4.58 -12.75 -30.77
N THR B 83 -5.06 -12.06 -29.74
CA THR B 83 -5.36 -10.64 -29.82
C THR B 83 -4.56 -9.89 -28.77
N GLY B 84 -4.04 -8.73 -29.17
CA GLY B 84 -3.25 -7.92 -28.27
C GLY B 84 -2.59 -6.79 -29.01
N LYS B 85 -1.80 -6.01 -28.26
CA LYS B 85 -1.10 -4.87 -28.86
C LYS B 85 -0.04 -5.32 -29.84
N ILE B 86 0.69 -6.40 -29.53
CA ILE B 86 1.77 -6.86 -30.39
C ILE B 86 1.22 -7.53 -31.64
N ALA B 87 0.36 -8.53 -31.46
CA ALA B 87 -0.16 -9.27 -32.61
C ALA B 87 -1.45 -8.65 -33.15
N ASP B 88 -1.43 -7.33 -33.30
CA ASP B 88 -2.40 -6.61 -34.13
C ASP B 88 -1.78 -5.51 -34.98
N TYR B 89 -0.62 -4.96 -34.60
CA TYR B 89 0.01 -3.88 -35.32
C TYR B 89 1.46 -4.17 -35.69
N ASN B 90 2.10 -5.19 -35.11
CA ASN B 90 3.52 -5.42 -35.30
C ASN B 90 3.81 -6.73 -36.01
N TYR B 91 3.32 -7.87 -35.50
CA TYR B 91 3.64 -9.16 -36.08
C TYR B 91 2.47 -10.10 -35.83
N LYS B 92 1.85 -10.60 -36.90
CA LYS B 92 0.69 -11.46 -36.80
C LYS B 92 0.90 -12.72 -37.65
N LEU B 93 0.57 -13.89 -37.08
CA LEU B 93 0.63 -15.21 -37.66
C LEU B 93 -0.74 -15.65 -38.17
N PRO B 94 -0.80 -16.49 -39.19
CA PRO B 94 -2.08 -16.98 -39.69
C PRO B 94 -2.56 -18.20 -38.91
N ASP B 95 -3.85 -18.50 -39.08
CA ASP B 95 -4.47 -19.61 -38.38
C ASP B 95 -4.02 -20.97 -38.90
N ASP B 96 -3.50 -21.03 -40.13
CA ASP B 96 -3.01 -22.26 -40.73
C ASP B 96 -1.49 -22.36 -40.64
N PHE B 97 -0.91 -21.86 -39.55
CA PHE B 97 0.53 -21.88 -39.39
C PHE B 97 1.04 -23.32 -39.29
N THR B 98 2.20 -23.55 -39.91
CA THR B 98 2.81 -24.88 -39.97
C THR B 98 4.30 -24.79 -39.65
N GLY B 99 4.64 -23.96 -38.66
CA GLY B 99 5.99 -23.88 -38.14
C GLY B 99 5.96 -23.67 -36.65
N CYS B 100 7.05 -23.18 -36.05
CA CYS B 100 7.03 -22.93 -34.62
C CYS B 100 8.12 -21.94 -34.21
N VAL B 101 8.04 -21.52 -32.95
CA VAL B 101 8.76 -20.36 -32.44
C VAL B 101 9.72 -20.81 -31.33
N ILE B 102 10.74 -19.99 -31.10
CA ILE B 102 11.72 -20.22 -30.05
C ILE B 102 11.89 -18.92 -29.27
N ALA B 103 11.89 -19.02 -27.94
CA ALA B 103 12.05 -17.86 -27.08
C ALA B 103 13.00 -18.18 -25.94
N TRP B 104 13.82 -17.20 -25.56
CA TRP B 104 14.70 -17.34 -24.41
C TRP B 104 15.01 -15.96 -23.86
N ASN B 105 15.44 -15.93 -22.60
CA ASN B 105 15.71 -14.68 -21.91
C ASN B 105 16.99 -14.03 -22.44
N SER B 106 17.01 -12.69 -22.42
CA SER B 106 18.16 -11.93 -22.88
C SER B 106 18.46 -10.76 -21.95
N ASN B 107 18.19 -10.91 -20.65
CA ASN B 107 18.39 -9.82 -19.70
C ASN B 107 19.85 -9.39 -19.65
N ASN B 108 20.76 -10.35 -19.53
CA ASN B 108 22.18 -10.04 -19.36
C ASN B 108 22.77 -9.34 -20.59
N LEU B 109 22.39 -9.77 -21.79
CA LEU B 109 22.91 -9.17 -23.01
C LEU B 109 22.07 -8.02 -23.56
N ASP B 110 20.94 -7.68 -22.92
CA ASP B 110 20.10 -6.62 -23.44
C ASP B 110 19.70 -5.56 -22.42
N SER B 111 20.08 -5.70 -21.16
CA SER B 111 19.71 -4.72 -20.14
C SER B 111 20.95 -3.98 -19.65
N LYS B 112 20.80 -2.67 -19.46
CA LYS B 112 21.87 -1.82 -18.96
C LYS B 112 21.34 -0.92 -17.86
N VAL B 113 22.24 -0.51 -16.97
CA VAL B 113 21.86 0.37 -15.86
C VAL B 113 21.50 1.74 -16.41
N GLY B 114 20.33 2.23 -16.04
CA GLY B 114 19.81 3.49 -16.52
C GLY B 114 18.79 3.37 -17.63
N GLY B 115 18.74 2.23 -18.31
CA GLY B 115 17.74 2.02 -19.34
C GLY B 115 18.31 1.80 -20.73
N ASN B 116 17.73 0.87 -21.47
CA ASN B 116 18.11 0.59 -22.86
C ASN B 116 16.90 0.95 -23.73
N TYR B 117 16.96 2.11 -24.36
CA TYR B 117 15.85 2.66 -25.14
C TYR B 117 16.05 2.49 -26.64
N ASN B 118 16.79 1.46 -27.04
CA ASN B 118 17.06 1.21 -28.45
C ASN B 118 16.00 0.34 -29.12
N TYR B 119 15.02 -0.16 -28.36
CA TYR B 119 13.97 -1.01 -28.90
C TYR B 119 12.65 -0.25 -28.86
N ARG B 120 11.94 -0.26 -29.99
CA ARG B 120 10.70 0.47 -30.13
C ARG B 120 9.62 -0.42 -30.74
N TYR B 121 8.37 -0.06 -30.48
CA TYR B 121 7.24 -0.87 -30.89
C TYR B 121 6.04 0.02 -31.19
N ARG B 122 5.23 -0.40 -32.15
CA ARG B 122 4.08 0.39 -32.58
C ARG B 122 2.97 0.34 -31.54
N LEU B 123 2.28 1.48 -31.39
CA LEU B 123 1.21 1.59 -30.41
C LEU B 123 -0.13 2.00 -31.00
N PHE B 124 -0.15 2.77 -32.09
CA PHE B 124 -1.39 3.22 -32.71
C PHE B 124 -1.37 2.91 -34.19
N ARG B 125 -2.50 2.44 -34.70
CA ARG B 125 -2.67 2.13 -36.12
C ARG B 125 -4.16 2.04 -36.42
N LYS B 126 -4.52 2.34 -37.67
CA LYS B 126 -5.93 2.40 -38.03
C LYS B 126 -6.54 0.99 -38.13
N SER B 127 -6.00 0.16 -39.01
CA SER B 127 -6.55 -1.15 -39.29
C SER B 127 -5.65 -2.24 -38.72
N ASN B 128 -5.99 -3.50 -39.01
CA ASN B 128 -5.21 -4.64 -38.56
C ASN B 128 -4.01 -4.84 -39.48
N LEU B 129 -3.35 -5.99 -39.38
CA LEU B 129 -2.01 -6.15 -39.92
C LEU B 129 -1.95 -6.98 -41.20
N LYS B 130 -3.01 -7.74 -41.55
CA LYS B 130 -2.98 -8.57 -42.75
C LYS B 130 -1.77 -9.51 -42.73
N PRO B 131 -1.85 -10.62 -41.97
CA PRO B 131 -0.66 -11.36 -41.50
C PRO B 131 0.49 -11.50 -42.49
N PHE B 132 1.71 -11.45 -41.93
CA PHE B 132 2.98 -11.42 -42.68
C PHE B 132 3.11 -10.12 -43.47
N GLU B 133 2.91 -8.99 -42.80
CA GLU B 133 3.10 -7.67 -43.38
C GLU B 133 3.87 -6.79 -42.39
N ARG B 134 4.71 -5.92 -42.93
CA ARG B 134 5.44 -4.95 -42.13
C ARG B 134 5.10 -3.54 -42.58
N ASP B 135 5.20 -2.60 -41.64
CA ASP B 135 4.92 -1.19 -41.95
C ASP B 135 5.92 -0.31 -41.21
N ILE B 136 6.72 0.43 -41.97
CA ILE B 136 7.67 1.37 -41.39
C ILE B 136 7.26 2.77 -41.82
N SER B 137 6.44 3.42 -40.99
CA SER B 137 5.95 4.76 -41.28
C SER B 137 5.91 5.57 -39.99
N THR B 138 6.36 6.82 -40.07
CA THR B 138 6.38 7.72 -38.92
C THR B 138 5.31 8.81 -39.02
N GLU B 139 4.26 8.57 -39.80
CA GLU B 139 3.20 9.55 -39.94
C GLU B 139 2.46 9.73 -38.62
N ILE B 140 2.03 10.96 -38.35
CA ILE B 140 1.40 11.27 -37.07
C ILE B 140 0.00 10.69 -37.04
N TYR B 141 -0.33 10.00 -35.94
CA TYR B 141 -1.65 9.42 -35.78
C TYR B 141 -2.68 10.50 -35.51
N GLN B 142 -3.81 10.42 -36.21
CA GLN B 142 -4.91 11.36 -36.04
C GLN B 142 -6.06 10.65 -35.32
N ALA B 143 -6.50 11.23 -34.21
CA ALA B 143 -7.58 10.66 -33.41
C ALA B 143 -8.88 11.43 -33.54
N GLY B 144 -8.84 12.76 -33.43
CA GLY B 144 -10.03 13.58 -33.50
C GLY B 144 -10.36 14.00 -34.92
N SER B 145 -11.39 14.85 -35.02
CA SER B 145 -11.82 15.33 -36.33
C SER B 145 -10.84 16.35 -36.89
N LYS B 146 -10.20 17.12 -36.02
CA LYS B 146 -9.27 18.15 -36.47
C LYS B 146 -8.03 17.50 -37.08
N PRO B 147 -7.66 17.83 -38.32
CA PRO B 147 -6.50 17.19 -38.94
C PRO B 147 -5.20 17.64 -38.30
N CYS B 148 -4.25 16.71 -38.23
CA CYS B 148 -2.91 17.01 -37.75
C CYS B 148 -2.08 17.61 -38.89
N ASN B 149 -1.07 18.39 -38.51
CA ASN B 149 -0.23 19.10 -39.48
C ASN B 149 1.24 18.75 -39.26
N GLY B 150 1.52 17.46 -39.06
CA GLY B 150 2.88 17.02 -38.86
C GLY B 150 3.51 17.45 -37.56
N VAL B 151 2.70 17.90 -36.61
CA VAL B 151 3.19 18.35 -35.30
C VAL B 151 2.43 17.59 -34.23
N GLU B 152 3.05 17.40 -33.07
CA GLU B 152 2.46 16.66 -31.97
C GLU B 152 1.68 17.63 -31.08
N GLY B 153 0.47 17.23 -30.72
CA GLY B 153 -0.38 18.06 -29.88
C GLY B 153 -1.64 17.36 -29.42
N PHE B 154 -2.75 18.08 -29.37
CA PHE B 154 -4.00 17.50 -28.92
C PHE B 154 -4.54 16.53 -29.97
N ASN B 155 -4.81 15.30 -29.55
CA ASN B 155 -5.35 14.24 -30.40
C ASN B 155 -4.43 13.89 -31.57
N CYS B 156 -3.16 14.29 -31.50
CA CYS B 156 -2.16 13.87 -32.46
C CYS B 156 -0.99 13.25 -31.70
N TYR B 157 -0.63 12.03 -32.07
CA TYR B 157 0.39 11.28 -31.35
C TYR B 157 1.38 10.67 -32.34
N PHE B 158 2.59 10.41 -31.85
CA PHE B 158 3.60 9.71 -32.62
C PHE B 158 3.49 8.21 -32.32
N PRO B 159 3.18 7.36 -33.32
CA PRO B 159 2.86 5.96 -33.05
C PRO B 159 4.09 5.05 -32.90
N LEU B 160 5.08 5.52 -32.15
CA LEU B 160 6.26 4.73 -31.82
C LEU B 160 6.59 4.95 -30.35
N GLN B 161 6.82 3.86 -29.63
CA GLN B 161 7.14 3.94 -28.21
C GLN B 161 8.30 2.98 -27.91
N SER B 162 9.22 3.43 -27.08
CA SER B 162 10.44 2.68 -26.78
C SER B 162 10.29 1.91 -25.47
N TYR B 163 10.98 0.77 -25.40
CA TYR B 163 10.97 -0.04 -24.19
C TYR B 163 11.93 0.53 -23.14
N GLY B 164 11.70 0.13 -21.89
CA GLY B 164 12.49 0.60 -20.78
C GLY B 164 13.22 -0.48 -20.03
N PHE B 165 13.85 -1.41 -20.75
CA PHE B 165 14.49 -2.55 -20.12
C PHE B 165 15.60 -2.11 -19.18
N GLN B 166 15.58 -2.66 -17.97
CA GLN B 166 16.57 -2.40 -16.93
C GLN B 166 16.90 -3.72 -16.26
N PRO B 167 18.11 -3.85 -15.70
CA PRO B 167 18.54 -5.15 -15.15
C PRO B 167 17.80 -5.58 -13.89
N THR B 168 17.01 -4.70 -13.27
CA THR B 168 16.40 -5.01 -11.98
C THR B 168 14.93 -5.40 -12.09
N ASN B 169 14.31 -5.17 -13.25
CA ASN B 169 12.88 -5.41 -13.42
C ASN B 169 12.54 -6.89 -13.24
N GLY B 170 11.24 -7.17 -13.20
CA GLY B 170 10.76 -8.52 -13.00
C GLY B 170 10.78 -9.35 -14.27
N VAL B 171 10.45 -10.63 -14.10
CA VAL B 171 10.48 -11.59 -15.20
C VAL B 171 9.53 -11.19 -16.32
N GLY B 172 8.36 -10.65 -15.97
CA GLY B 172 7.44 -10.18 -16.99
C GLY B 172 7.87 -8.93 -17.72
N TYR B 173 9.00 -8.33 -17.30
CA TYR B 173 9.53 -7.16 -17.97
C TYR B 173 10.93 -7.36 -18.53
N GLN B 174 11.60 -8.46 -18.21
CA GLN B 174 12.87 -8.76 -18.86
C GLN B 174 12.68 -8.94 -20.37
N PRO B 175 13.65 -8.51 -21.18
CA PRO B 175 13.55 -8.70 -22.62
C PRO B 175 13.73 -10.16 -23.02
N TYR B 176 12.99 -10.56 -24.05
CA TYR B 176 13.03 -11.91 -24.58
C TYR B 176 13.27 -11.86 -26.08
N ARG B 177 14.10 -12.78 -26.57
CA ARG B 177 14.39 -12.90 -28.00
C ARG B 177 13.53 -14.01 -28.60
N VAL B 178 12.89 -13.71 -29.73
CA VAL B 178 11.95 -14.64 -30.36
C VAL B 178 12.42 -14.93 -31.78
N VAL B 179 12.49 -16.21 -32.12
CA VAL B 179 12.80 -16.66 -33.47
C VAL B 179 11.69 -17.58 -33.94
N VAL B 180 11.14 -17.29 -35.12
CA VAL B 180 10.00 -18.01 -35.66
C VAL B 180 10.41 -18.70 -36.95
N LEU B 181 10.16 -20.00 -37.03
CA LEU B 181 10.47 -20.79 -38.22
C LEU B 181 9.18 -21.16 -38.94
N SER B 182 9.16 -20.96 -40.26
CA SER B 182 8.00 -21.25 -41.09
C SER B 182 8.43 -22.15 -42.24
N PHE B 183 7.65 -23.20 -42.48
CA PHE B 183 7.93 -24.16 -43.55
C PHE B 183 6.84 -24.06 -44.61
N GLU B 184 7.24 -24.05 -45.87
CA GLU B 184 6.30 -24.01 -46.99
C GLU B 184 6.61 -25.12 -47.97
N LEU B 185 5.57 -25.80 -48.45
CA LEU B 185 5.70 -26.84 -49.47
C LEU B 185 5.25 -26.26 -50.80
N LEU B 186 6.20 -25.72 -51.55
CA LEU B 186 5.90 -25.04 -52.80
C LEU B 186 5.64 -26.05 -53.91
N HIS B 187 5.26 -25.54 -55.08
CA HIS B 187 5.09 -26.36 -56.27
C HIS B 187 6.42 -26.77 -56.88
N ALA B 188 7.50 -26.08 -56.53
CA ALA B 188 8.85 -26.50 -56.92
C ALA B 188 9.21 -27.78 -56.18
N PRO B 189 10.12 -28.59 -56.73
CA PRO B 189 10.48 -29.86 -56.09
C PRO B 189 11.05 -29.63 -54.70
N ALA B 190 10.70 -30.52 -53.77
CA ALA B 190 11.25 -30.49 -52.42
C ALA B 190 12.75 -30.61 -52.48
N THR B 191 13.46 -29.55 -52.10
CA THR B 191 14.88 -29.46 -52.41
C THR B 191 15.77 -30.00 -51.30
N VAL B 192 15.33 -29.92 -50.04
CA VAL B 192 16.18 -30.28 -48.92
C VAL B 192 15.39 -31.13 -47.93
N CYS B 193 16.09 -32.03 -47.25
CA CYS B 193 15.50 -32.86 -46.21
C CYS B 193 16.33 -32.77 -44.94
N GLY B 194 16.02 -33.61 -43.95
CA GLY B 194 16.76 -33.62 -42.70
C GLY B 194 17.89 -34.64 -42.66
#